data_1MPQ
#
_entry.id   1MPQ
#
_cell.length_a   130.000
_cell.length_b   212.200
_cell.length_c   218.200
_cell.angle_alpha   90.00
_cell.angle_beta   90.00
_cell.angle_gamma   90.00
#
_symmetry.space_group_name_H-M   'C 2 2 21'
#
loop_
_entity.id
_entity.type
_entity.pdbx_description
1 polymer MALTOPORIN
2 branched alpha-D-glucopyranose-(1-1)-alpha-D-glucopyranose
#
_entity_poly.entity_id   1
_entity_poly.type   'polypeptide(L)'
_entity_poly.pdbx_seq_one_letter_code
;VDFHGYARSGIGWTGSGGEQQCFQTTGAQSKYRLGNECETYAELKLGQEVWKEGDKSFYFDTNVAYSVAQQNDWEATDPA
FREANVQGKNLIEWLPGSTIWAGKRFYQRHDVHMIDFYYWDISGPGAGLENIDVGFGKLSLAATRSSEAGGSSSFASNNI
YDYTNETANDVFDVRLAQMEINPGGTLELGVDYGRANLRDNYRLVDGASKDGWLFTAEHTQSVLKGFNKFVVQYATDSMT
SQGKGLSQGSGVAFDNEKFAYNINNNGHMLRILDHGAISMGDNWDMMYVGMYQDINWDNDNGTKWWTVGIRPMYKWTPIM
STVMEIGYDNVESQRTGDKNNQYKITLAQQWQAGDSIWSRPAIRVFATYAKWDEKWGYDYTGNADNNANFGKAVPADFNG
GSFGRGDSDEWTFGAQMEIWW
;
_entity_poly.pdbx_strand_id   A,B,C
#
loop_
_chem_comp.id
_chem_comp.type
_chem_comp.name
_chem_comp.formula
GLC D-saccharide, alpha linking alpha-D-glucopyranose 'C6 H12 O6'
#
# COMPACT_ATOMS: atom_id res chain seq x y z
N VAL A 1 13.05 16.11 -4.14
CA VAL A 1 12.55 15.17 -3.13
C VAL A 1 13.75 14.42 -2.58
N ASP A 2 13.76 14.11 -1.29
CA ASP A 2 14.87 13.38 -0.71
C ASP A 2 14.42 11.95 -0.64
N PHE A 3 15.22 11.02 -1.13
CA PHE A 3 14.80 9.65 -1.12
C PHE A 3 15.71 8.82 -0.26
N HIS A 4 15.19 8.33 0.86
CA HIS A 4 15.99 7.48 1.72
C HIS A 4 15.26 6.25 2.13
N GLY A 5 15.97 5.35 2.82
CA GLY A 5 15.35 4.14 3.30
C GLY A 5 16.23 3.01 3.83
N TYR A 6 15.64 1.81 3.78
CA TYR A 6 16.33 0.61 4.20
C TYR A 6 15.66 -0.50 3.43
N ALA A 7 16.39 -1.56 3.13
CA ALA A 7 15.76 -2.66 2.42
C ALA A 7 16.69 -3.82 2.51
N ARG A 8 16.14 -5.02 2.44
CA ARG A 8 16.93 -6.24 2.44
C ARG A 8 16.05 -7.17 1.67
N SER A 9 16.64 -7.97 0.80
CA SER A 9 15.88 -8.91 0.01
C SER A 9 16.84 -10.00 -0.44
N GLY A 10 16.35 -11.21 -0.70
CA GLY A 10 17.29 -12.23 -1.11
C GLY A 10 16.59 -13.53 -1.42
N ILE A 11 17.39 -14.59 -1.68
CA ILE A 11 16.92 -15.94 -1.96
C ILE A 11 17.75 -16.87 -1.08
N GLY A 12 17.17 -17.97 -0.65
CA GLY A 12 17.90 -18.89 0.23
C GLY A 12 17.34 -20.30 0.23
N TRP A 13 18.07 -21.18 0.90
CA TRP A 13 17.71 -22.58 0.96
C TRP A 13 18.07 -23.21 2.27
N THR A 14 17.24 -24.15 2.75
CA THR A 14 17.53 -24.86 3.99
C THR A 14 18.17 -26.18 3.60
N GLY A 15 19.27 -26.52 4.28
CA GLY A 15 20.02 -27.73 3.99
C GLY A 15 19.15 -28.98 3.90
N SER A 16 18.34 -29.22 4.94
CA SER A 16 17.42 -30.35 4.99
C SER A 16 16.40 -30.38 3.85
N GLY A 17 16.07 -29.21 3.30
CA GLY A 17 15.10 -29.14 2.24
C GLY A 17 14.22 -27.91 2.35
N GLY A 18 13.81 -27.44 1.17
CA GLY A 18 12.95 -26.29 1.06
C GLY A 18 13.57 -24.92 1.26
N GLU A 19 12.72 -23.92 1.18
CA GLU A 19 13.11 -22.55 1.38
C GLU A 19 13.91 -22.36 2.64
N GLN A 20 14.66 -21.29 2.65
CA GLN A 20 15.52 -21.00 3.77
C GLN A 20 14.71 -20.71 5.01
N GLN A 21 15.25 -21.14 6.14
CA GLN A 21 14.67 -20.95 7.45
C GLN A 21 15.54 -20.10 8.32
N CYS A 22 14.93 -19.52 9.33
CA CYS A 22 15.68 -18.67 10.25
C CYS A 22 15.68 -19.16 11.71
N PHE A 23 16.76 -18.91 12.42
CA PHE A 23 16.86 -19.44 13.76
C PHE A 23 16.91 -18.48 14.89
N GLN A 24 15.85 -18.44 15.68
CA GLN A 24 15.81 -17.61 16.89
C GLN A 24 15.52 -18.42 18.17
N THR A 25 16.29 -18.22 19.23
CA THR A 25 16.04 -18.96 20.46
C THR A 25 14.71 -18.60 21.13
N THR A 26 13.92 -19.61 21.54
CA THR A 26 12.62 -19.37 22.23
C THR A 26 12.89 -18.59 23.51
N GLY A 27 12.27 -17.43 23.66
CA GLY A 27 12.53 -16.63 24.83
C GLY A 27 13.49 -15.46 24.56
N ALA A 28 14.29 -15.57 23.49
CA ALA A 28 15.18 -14.48 23.16
C ALA A 28 14.36 -13.46 22.38
N GLN A 29 14.65 -12.18 22.51
CA GLN A 29 13.92 -11.18 21.76
C GLN A 29 14.66 -10.79 20.47
N SER A 30 15.62 -11.61 20.03
CA SER A 30 16.40 -11.30 18.86
C SER A 30 17.08 -12.52 18.24
N LYS A 31 17.66 -12.36 17.05
CA LYS A 31 18.42 -13.41 16.36
C LYS A 31 19.65 -12.72 15.76
N TYR A 32 20.77 -13.42 15.58
CA TYR A 32 21.94 -12.80 14.98
C TYR A 32 21.57 -12.80 13.50
N ARG A 33 21.41 -11.64 12.92
CA ARG A 33 20.97 -11.54 11.54
C ARG A 33 21.76 -12.04 10.35
N LEU A 34 23.08 -11.94 10.38
CA LEU A 34 23.84 -12.33 9.19
C LEU A 34 23.48 -13.73 8.73
N GLY A 35 22.90 -13.82 7.55
CA GLY A 35 22.55 -15.12 6.98
C GLY A 35 21.45 -15.79 7.75
N ASN A 36 20.57 -14.98 8.33
CA ASN A 36 19.49 -15.49 9.16
C ASN A 36 18.27 -14.56 9.15
N GLU A 37 17.96 -14.00 7.97
CA GLU A 37 16.82 -13.09 7.80
C GLU A 37 15.99 -13.70 6.71
N CYS A 38 14.70 -13.91 6.99
CA CYS A 38 13.82 -14.58 6.06
C CYS A 38 12.65 -13.80 5.40
N GLU A 39 12.84 -12.50 5.07
CA GLU A 39 11.81 -11.67 4.41
C GLU A 39 12.41 -10.52 3.65
N THR A 40 11.63 -9.93 2.76
CA THR A 40 12.06 -8.76 2.04
C THR A 40 11.42 -7.72 2.91
N TYR A 41 12.19 -6.79 3.40
CA TYR A 41 11.66 -5.74 4.26
C TYR A 41 12.17 -4.44 3.65
N ALA A 42 11.35 -3.40 3.59
CA ALA A 42 11.82 -2.16 3.00
C ALA A 42 11.06 -0.96 3.51
N GLU A 43 11.77 0.14 3.79
CA GLU A 43 11.13 1.39 4.20
C GLU A 43 11.47 2.38 3.11
N LEU A 44 10.46 3.03 2.54
CA LEU A 44 10.73 4.00 1.51
C LEU A 44 10.41 5.39 2.00
N LYS A 45 11.44 6.17 2.28
CA LYS A 45 11.28 7.54 2.74
C LYS A 45 11.42 8.55 1.61
N LEU A 46 10.52 9.52 1.60
CA LEU A 46 10.50 10.59 0.63
C LEU A 46 10.27 11.80 1.52
N GLY A 47 11.26 12.67 1.63
CA GLY A 47 11.11 13.84 2.46
C GLY A 47 11.54 15.07 1.70
N GLN A 48 11.55 16.22 2.36
CA GLN A 48 11.90 17.44 1.66
C GLN A 48 11.93 18.66 2.54
N GLU A 49 12.99 19.47 2.40
CA GLU A 49 13.09 20.71 3.18
C GLU A 49 12.13 21.62 2.49
N VAL A 50 11.01 21.92 3.10
CA VAL A 50 10.07 22.72 2.38
C VAL A 50 10.17 24.22 2.57
N TRP A 51 11.04 24.67 3.47
CA TRP A 51 11.11 26.11 3.64
C TRP A 51 12.34 26.45 4.41
N LYS A 52 13.17 27.35 3.87
CA LYS A 52 14.36 27.77 4.58
C LYS A 52 14.50 29.25 4.50
N GLU A 53 14.92 29.90 5.57
CA GLU A 53 15.15 31.32 5.54
C GLU A 53 16.27 31.55 6.49
N GLY A 54 17.47 31.48 5.95
CA GLY A 54 18.56 31.69 6.82
C GLY A 54 18.77 30.44 7.59
N ASP A 55 18.70 30.56 8.90
CA ASP A 55 18.93 29.46 9.84
C ASP A 55 17.67 28.58 9.97
N LYS A 56 16.53 29.19 9.69
CA LYS A 56 15.27 28.54 9.80
C LYS A 56 14.86 27.67 8.66
N SER A 57 14.30 26.50 8.95
CA SER A 57 13.79 25.60 7.94
C SER A 57 12.68 24.77 8.53
N PHE A 58 11.92 24.13 7.65
CA PHE A 58 10.86 23.20 7.98
C PHE A 58 11.13 22.03 7.07
N TYR A 59 11.39 20.86 7.67
CA TYR A 59 11.60 19.65 6.93
C TYR A 59 10.39 18.71 7.06
N PHE A 60 9.92 18.13 5.95
CA PHE A 60 8.79 17.18 5.94
C PHE A 60 9.41 15.85 5.61
N ASP A 61 9.09 14.78 6.35
CA ASP A 61 9.66 13.42 6.15
C ASP A 61 8.59 12.34 6.29
N THR A 62 8.66 11.26 5.52
CA THR A 62 7.62 10.24 5.60
C THR A 62 8.22 8.86 5.54
N ASN A 63 7.46 7.81 5.82
CA ASN A 63 8.06 6.46 5.74
C ASN A 63 7.00 5.42 5.44
N VAL A 64 7.18 4.60 4.43
CA VAL A 64 6.18 3.59 4.13
C VAL A 64 6.91 2.28 4.08
N ALA A 65 6.63 1.39 5.04
CA ALA A 65 7.32 0.10 5.16
C ALA A 65 6.54 -1.06 4.56
N TYR A 66 7.27 -1.98 3.92
CA TYR A 66 6.73 -3.15 3.27
C TYR A 66 7.47 -4.39 3.75
N SER A 67 6.72 -5.43 4.08
CA SER A 67 7.33 -6.69 4.49
C SER A 67 6.69 -7.78 3.64
N VAL A 68 7.46 -8.60 2.93
CA VAL A 68 6.85 -9.63 2.13
C VAL A 68 7.67 -10.92 2.31
N ALA A 69 7.10 -12.06 1.98
CA ALA A 69 7.77 -13.32 2.21
C ALA A 69 8.82 -13.69 1.25
N GLN A 70 8.87 -12.95 0.16
CA GLN A 70 9.84 -13.20 -0.86
C GLN A 70 9.92 -14.64 -1.29
N GLN A 71 8.74 -15.17 -1.55
CA GLN A 71 8.62 -16.50 -2.07
C GLN A 71 7.99 -16.37 -3.44
N ASN A 72 7.67 -15.16 -3.83
CA ASN A 72 7.07 -14.97 -5.12
C ASN A 72 7.23 -13.55 -5.64
N ASP A 73 6.87 -13.35 -6.90
CA ASP A 73 6.95 -12.02 -7.50
C ASP A 73 5.83 -11.18 -6.95
N TRP A 74 4.62 -11.38 -7.47
CA TRP A 74 3.46 -10.61 -7.04
C TRP A 74 3.11 -10.86 -5.58
N GLU A 75 3.44 -9.96 -4.67
CA GLU A 75 3.13 -10.24 -3.30
C GLU A 75 2.41 -9.08 -2.73
N ALA A 76 1.08 -9.16 -2.75
CA ALA A 76 0.23 -8.12 -2.20
C ALA A 76 0.45 -8.05 -0.71
N THR A 77 0.37 -6.86 -0.11
CA THR A 77 0.62 -6.69 1.32
C THR A 77 0.00 -5.36 1.78
N ASP A 78 -0.32 -5.23 3.08
CA ASP A 78 -0.82 -3.96 3.58
C ASP A 78 0.44 -3.25 4.11
N PRO A 79 0.84 -2.16 3.43
CA PRO A 79 2.04 -1.45 3.88
C PRO A 79 1.75 -0.72 5.18
N ALA A 80 2.74 -0.45 6.03
CA ALA A 80 2.49 0.27 7.31
C ALA A 80 2.91 1.72 7.20
N PHE A 81 2.00 2.69 7.13
CA PHE A 81 2.42 4.09 7.04
C PHE A 81 3.05 4.48 8.41
N ARG A 82 4.38 4.43 8.52
CA ARG A 82 5.08 4.69 9.76
C ARG A 82 5.55 6.08 10.14
N GLU A 83 5.83 6.96 9.16
CA GLU A 83 6.27 8.34 9.46
C GLU A 83 5.57 9.37 8.60
N ALA A 84 5.24 10.50 9.20
CA ALA A 84 4.59 11.61 8.50
C ALA A 84 4.67 12.72 9.50
N ASN A 85 5.81 13.40 9.59
CA ASN A 85 6.01 14.49 10.57
C ASN A 85 6.66 15.72 9.96
N VAL A 86 6.73 16.81 10.71
CA VAL A 86 7.35 18.04 10.22
C VAL A 86 8.23 18.53 11.32
N GLN A 87 9.47 18.89 10.97
CA GLN A 87 10.41 19.41 11.98
C GLN A 87 10.75 20.81 11.64
N GLY A 88 10.56 21.72 12.58
CA GLY A 88 10.90 23.10 12.32
C GLY A 88 12.12 23.51 13.12
N LYS A 89 13.33 23.56 12.51
CA LYS A 89 14.53 23.95 13.28
C LYS A 89 14.74 25.45 13.34
N ASN A 90 15.25 25.88 14.47
CA ASN A 90 15.54 27.26 14.79
C ASN A 90 14.34 28.15 14.74
N LEU A 91 13.16 27.68 15.13
CA LEU A 91 12.02 28.59 15.05
C LEU A 91 11.83 29.39 16.34
N ILE A 92 12.64 29.07 17.35
CA ILE A 92 12.56 29.73 18.65
C ILE A 92 13.91 30.36 19.06
N GLU A 93 13.91 31.71 19.04
CA GLU A 93 15.06 32.57 19.34
C GLU A 93 15.62 32.25 20.73
N TRP A 94 14.74 32.25 21.74
CA TRP A 94 15.13 31.95 23.11
C TRP A 94 15.83 30.60 23.30
N LEU A 95 15.48 29.57 22.52
CA LEU A 95 16.09 28.24 22.65
C LEU A 95 16.75 27.92 21.31
N PRO A 96 17.84 28.60 20.95
CA PRO A 96 18.55 28.39 19.67
C PRO A 96 19.03 27.00 19.38
N GLY A 97 19.01 26.68 18.10
CA GLY A 97 19.43 25.39 17.60
C GLY A 97 18.47 24.24 17.86
N SER A 98 17.35 24.54 18.52
CA SER A 98 16.41 23.51 18.84
C SER A 98 15.31 23.38 17.81
N THR A 99 14.80 22.17 17.69
CA THR A 99 13.75 21.80 16.75
C THR A 99 12.43 21.42 17.44
N ILE A 100 11.31 21.83 16.86
CA ILE A 100 10.04 21.39 17.39
C ILE A 100 9.45 20.52 16.29
N TRP A 101 8.85 19.39 16.65
CA TRP A 101 8.25 18.49 15.66
C TRP A 101 6.86 17.94 16.10
N ALA A 102 6.13 17.35 15.17
CA ALA A 102 4.82 16.78 15.47
C ALA A 102 4.51 15.86 14.32
N GLY A 103 3.89 14.73 14.60
CA GLY A 103 3.56 13.83 13.52
C GLY A 103 4.09 12.48 13.91
N LYS A 104 3.84 11.47 13.09
CA LYS A 104 4.36 10.16 13.47
C LYS A 104 5.83 10.23 13.09
N ARG A 105 6.75 9.88 13.99
CA ARG A 105 8.16 9.95 13.65
C ARG A 105 8.99 8.88 14.32
N PHE A 106 9.97 8.28 13.63
CA PHE A 106 10.85 7.30 14.32
C PHE A 106 11.73 8.26 15.16
N TYR A 107 11.57 8.32 16.47
CA TYR A 107 12.32 9.26 17.31
C TYR A 107 13.53 8.73 18.03
N GLN A 108 14.72 9.15 17.62
CA GLN A 108 15.98 8.76 18.28
C GLN A 108 16.08 7.32 18.75
N ARG A 109 16.14 6.36 17.85
CA ARG A 109 16.17 4.98 18.29
C ARG A 109 17.54 4.39 18.41
N HIS A 110 17.82 3.82 19.57
CA HIS A 110 19.10 3.17 19.78
C HIS A 110 18.84 1.72 19.49
N ASP A 111 19.78 1.03 18.86
CA ASP A 111 19.57 -0.34 18.51
C ASP A 111 20.90 -1.00 18.32
N VAL A 112 20.94 -2.32 18.20
CA VAL A 112 22.18 -3.04 18.06
C VAL A 112 22.09 -3.78 16.76
N HIS A 113 22.71 -3.25 15.73
CA HIS A 113 22.61 -3.84 14.40
C HIS A 113 22.68 -5.32 14.15
N MET A 114 23.73 -6.03 14.56
CA MET A 114 23.80 -7.45 14.20
C MET A 114 22.66 -8.29 14.72
N ILE A 115 22.11 -7.92 15.87
CA ILE A 115 21.00 -8.68 16.35
C ILE A 115 19.68 -7.97 16.03
N ASP A 116 19.76 -6.81 15.38
CA ASP A 116 18.59 -6.04 14.99
C ASP A 116 17.72 -5.81 16.17
N PHE A 117 18.30 -5.40 17.29
CA PHE A 117 17.54 -5.25 18.52
C PHE A 117 17.42 -3.77 18.86
N TYR A 118 16.24 -3.18 18.86
CA TYR A 118 16.15 -1.79 19.30
C TYR A 118 16.04 -1.80 20.79
N TYR A 119 16.92 -1.12 21.51
CA TYR A 119 16.75 -1.18 22.94
C TYR A 119 16.19 0.04 23.58
N TRP A 120 16.02 1.12 22.80
CA TRP A 120 15.43 2.37 23.30
C TRP A 120 14.73 2.93 22.08
N ASP A 121 13.41 2.80 22.04
CA ASP A 121 12.69 3.24 20.87
C ASP A 121 11.24 3.54 21.25
N ILE A 122 10.90 4.82 21.41
CA ILE A 122 9.56 5.19 21.73
C ILE A 122 8.85 5.77 20.52
N SER A 123 9.29 5.43 19.29
CA SER A 123 8.61 6.06 18.17
C SER A 123 7.14 5.78 17.97
N GLY A 124 6.45 6.72 17.35
CA GLY A 124 5.04 6.56 17.08
C GLY A 124 4.48 7.95 16.92
N PRO A 125 3.15 8.15 16.95
CA PRO A 125 2.61 9.49 16.79
C PRO A 125 3.16 10.24 17.98
N GLY A 126 3.55 11.52 17.81
CA GLY A 126 4.08 12.26 18.95
C GLY A 126 4.37 13.70 18.63
N ALA A 127 5.03 14.37 19.57
CA ALA A 127 5.41 15.76 19.39
C ALA A 127 6.50 16.04 20.41
N GLY A 128 7.24 17.13 20.23
CA GLY A 128 8.33 17.45 21.16
C GLY A 128 9.25 18.62 20.84
N LEU A 129 10.04 19.06 21.81
CA LEU A 129 10.98 20.16 21.65
C LEU A 129 12.32 19.47 21.77
N GLU A 130 13.03 19.34 20.65
CA GLU A 130 14.30 18.60 20.58
C GLU A 130 15.57 19.43 20.62
N ASN A 131 16.68 18.85 21.06
CA ASN A 131 18.00 19.52 21.13
C ASN A 131 18.06 20.92 21.67
N ILE A 132 17.59 21.10 22.89
CA ILE A 132 17.65 22.38 23.56
C ILE A 132 19.07 22.45 24.09
N ASP A 133 19.86 23.48 23.73
CA ASP A 133 21.24 23.54 24.26
C ASP A 133 21.18 23.96 25.69
N VAL A 134 21.72 23.13 26.57
CA VAL A 134 21.66 23.36 28.00
C VAL A 134 23.05 23.61 28.61
N GLY A 135 24.02 23.87 27.78
CA GLY A 135 25.34 24.12 28.32
C GLY A 135 26.16 22.88 28.32
N PHE A 136 26.05 22.11 29.39
CA PHE A 136 26.82 20.87 29.50
C PHE A 136 26.36 19.77 28.55
N GLY A 137 25.15 19.92 28.01
CA GLY A 137 24.63 18.95 27.08
C GLY A 137 23.38 19.50 26.42
N LYS A 138 22.76 18.63 25.64
CA LYS A 138 21.54 18.96 24.90
C LYS A 138 20.32 18.23 25.49
N LEU A 139 19.31 18.99 25.91
CA LEU A 139 18.12 18.45 26.50
C LEU A 139 17.03 18.31 25.50
N SER A 140 16.34 17.16 25.51
CA SER A 140 15.22 16.92 24.59
C SER A 140 13.91 16.44 25.33
N LEU A 141 12.76 16.95 24.93
CA LEU A 141 11.50 16.58 25.54
C LEU A 141 10.51 16.04 24.50
N ALA A 142 9.88 14.87 24.73
CA ALA A 142 8.88 14.29 23.78
C ALA A 142 7.76 13.56 24.47
N ALA A 143 6.67 13.37 23.73
CA ALA A 143 5.53 12.61 24.20
C ALA A 143 5.07 11.79 23.01
N THR A 144 5.13 10.47 23.11
CA THR A 144 4.64 9.64 22.00
C THR A 144 3.44 8.81 22.48
N ARG A 145 2.88 8.00 21.59
CA ARG A 145 1.69 7.22 21.90
C ARG A 145 1.65 5.86 21.28
N SER A 146 1.09 4.93 22.03
CA SER A 146 0.89 3.55 21.60
C SER A 146 -0.50 3.25 22.11
N SER A 147 -1.05 2.13 21.64
CA SER A 147 -2.37 1.74 22.10
C SER A 147 -2.39 0.23 22.09
N GLU A 148 -2.93 -0.39 23.15
CA GLU A 148 -3.00 -1.86 23.23
C GLU A 148 -4.31 -2.23 22.61
N ALA A 149 -4.36 -3.40 21.99
CA ALA A 149 -5.56 -3.89 21.29
C ALA A 149 -6.87 -3.85 22.07
N GLY A 150 -6.82 -4.11 23.37
CA GLY A 150 -8.00 -4.04 24.19
C GLY A 150 -7.41 -4.00 25.57
N GLY A 151 -8.22 -4.18 26.62
CA GLY A 151 -7.69 -4.21 27.96
C GLY A 151 -8.40 -3.26 28.86
N SER A 152 -9.40 -2.62 28.30
CA SER A 152 -10.18 -1.61 28.97
C SER A 152 -11.66 -2.03 28.93
N SER A 153 -12.42 -1.80 30.02
CA SER A 153 -13.84 -2.18 30.04
C SER A 153 -14.73 -1.00 30.23
N SER A 154 -15.85 -0.99 29.48
CA SER A 154 -16.84 0.10 29.48
C SER A 154 -17.56 0.24 30.79
N PHE A 155 -17.56 -0.86 31.56
CA PHE A 155 -18.22 -0.97 32.87
C PHE A 155 -17.39 -1.94 33.70
N ALA A 156 -17.75 -2.09 34.98
CA ALA A 156 -16.99 -2.99 35.84
C ALA A 156 -17.47 -4.43 35.74
N SER A 157 -16.59 -5.27 35.23
CA SER A 157 -16.86 -6.68 35.11
C SER A 157 -15.80 -7.23 36.04
N ASN A 158 -15.83 -8.55 36.20
CA ASN A 158 -14.89 -9.30 37.01
C ASN A 158 -14.42 -10.32 36.00
N ASN A 159 -14.99 -10.24 34.79
CA ASN A 159 -14.69 -11.13 33.70
C ASN A 159 -13.67 -10.50 32.78
N ILE A 160 -12.51 -11.12 32.67
CA ILE A 160 -11.50 -10.53 31.83
C ILE A 160 -11.95 -10.44 30.40
N TYR A 161 -12.83 -11.34 29.99
CA TYR A 161 -13.29 -11.35 28.62
C TYR A 161 -14.03 -10.08 28.29
N ASP A 162 -14.27 -9.27 29.30
CA ASP A 162 -15.01 -8.01 29.16
C ASP A 162 -14.18 -6.78 28.79
N TYR A 163 -12.88 -6.96 28.97
CA TYR A 163 -11.86 -5.97 28.71
C TYR A 163 -11.37 -6.05 27.29
N THR A 164 -12.15 -5.54 26.36
CA THR A 164 -11.73 -5.65 25.00
C THR A 164 -11.54 -4.34 24.30
N ASN A 165 -11.72 -3.25 25.03
CA ASN A 165 -11.52 -1.95 24.41
C ASN A 165 -10.07 -1.56 24.30
N GLU A 166 -9.71 -1.05 23.11
CA GLU A 166 -8.35 -0.58 22.79
C GLU A 166 -7.99 0.36 23.93
N THR A 167 -6.77 0.25 24.46
CA THR A 167 -6.41 1.09 25.58
C THR A 167 -5.13 1.82 25.22
N ALA A 168 -5.18 3.15 25.29
CA ALA A 168 -4.09 4.04 24.92
C ALA A 168 -3.09 4.25 25.94
N ASN A 169 -1.82 3.98 25.66
CA ASN A 169 -0.79 4.33 26.63
C ASN A 169 -0.07 5.59 26.13
N ASP A 170 0.44 6.44 27.03
CA ASP A 170 1.21 7.64 26.70
C ASP A 170 2.62 7.51 27.27
N VAL A 171 3.64 8.03 26.57
CA VAL A 171 5.01 8.03 27.11
C VAL A 171 5.54 9.45 27.13
N PHE A 172 6.20 9.81 28.22
CA PHE A 172 6.74 11.14 28.34
C PHE A 172 8.19 10.94 28.49
N ASP A 173 8.94 11.41 27.52
CA ASP A 173 10.34 11.16 27.49
C ASP A 173 11.16 12.38 27.79
N VAL A 174 12.30 12.19 28.44
CA VAL A 174 13.23 13.28 28.74
C VAL A 174 14.66 12.75 28.62
N ARG A 175 15.44 13.35 27.73
CA ARG A 175 16.82 12.91 27.57
C ARG A 175 17.79 14.09 27.71
N LEU A 176 18.99 13.79 28.23
CA LEU A 176 20.05 14.77 28.37
C LEU A 176 21.25 14.05 27.73
N ALA A 177 21.68 14.57 26.58
CA ALA A 177 22.76 13.89 25.89
C ALA A 177 23.98 14.73 25.59
N GLN A 178 24.95 14.07 24.96
CA GLN A 178 26.20 14.73 24.60
C GLN A 178 26.97 15.35 25.76
N MET A 179 26.79 14.84 26.98
CA MET A 179 27.56 15.35 28.12
C MET A 179 28.88 14.63 28.05
N GLU A 180 30.01 15.36 28.09
CA GLU A 180 31.31 14.68 28.02
C GLU A 180 31.87 14.15 29.34
N ILE A 181 31.25 13.11 29.93
CA ILE A 181 31.76 12.54 31.16
C ILE A 181 33.31 12.39 31.05
N ASN A 182 33.86 12.10 29.87
CA ASN A 182 35.32 11.93 29.77
C ASN A 182 35.88 12.15 28.37
N PRO A 183 37.20 12.02 28.22
CA PRO A 183 37.83 12.21 26.91
C PRO A 183 37.48 11.06 25.99
N GLY A 184 36.75 11.40 24.92
CA GLY A 184 36.33 10.41 23.94
C GLY A 184 35.02 9.77 24.35
N GLY A 185 34.55 10.13 25.54
CA GLY A 185 33.35 9.55 26.03
C GLY A 185 32.27 10.55 26.28
N THR A 186 31.07 10.17 25.91
CA THR A 186 29.91 11.00 26.11
C THR A 186 28.98 10.19 26.98
N LEU A 187 28.01 10.87 27.59
CA LEU A 187 27.04 10.18 28.42
C LEU A 187 25.64 10.72 28.20
N GLU A 188 24.67 9.82 27.98
CA GLU A 188 23.26 10.21 27.79
C GLU A 188 22.45 9.55 28.86
N LEU A 189 21.51 10.30 29.40
CA LEU A 189 20.61 9.81 30.43
C LEU A 189 19.21 10.08 29.96
N GLY A 190 18.31 9.12 30.10
CA GLY A 190 16.95 9.40 29.69
C GLY A 190 15.98 8.87 30.72
N VAL A 191 14.78 9.41 30.80
CA VAL A 191 13.81 8.89 31.75
C VAL A 191 12.50 8.83 31.04
N ASP A 192 11.88 7.66 31.08
CA ASP A 192 10.57 7.47 30.45
C ASP A 192 9.48 7.11 31.44
N TYR A 193 8.36 7.79 31.34
CA TYR A 193 7.25 7.49 32.21
C TYR A 193 6.07 7.23 31.36
N GLY A 194 5.62 5.96 31.34
CA GLY A 194 4.46 5.59 30.53
C GLY A 194 3.27 5.22 31.39
N ARG A 195 2.06 5.53 30.94
CA ARG A 195 0.89 5.22 31.74
C ARG A 195 -0.27 4.86 30.81
N ALA A 196 -1.13 3.91 31.16
CA ALA A 196 -2.29 3.59 30.30
C ALA A 196 -3.24 4.78 30.55
N ASN A 197 -3.78 5.35 29.49
CA ASN A 197 -4.63 6.51 29.59
C ASN A 197 -6.07 6.13 29.28
N LEU A 198 -6.88 5.91 30.32
CA LEU A 198 -8.29 5.47 30.17
C LEU A 198 -9.37 6.48 29.82
N ARG A 199 -10.34 6.08 28.98
CA ARG A 199 -11.45 6.94 28.60
C ARG A 199 -12.25 7.15 29.84
N ASP A 200 -13.08 8.19 29.85
CA ASP A 200 -13.90 8.44 31.02
C ASP A 200 -14.76 7.21 31.22
N ASN A 201 -14.73 6.73 32.46
CA ASN A 201 -15.52 5.57 32.89
C ASN A 201 -15.02 4.20 32.48
N TYR A 202 -13.82 4.08 31.94
CA TYR A 202 -13.36 2.76 31.60
C TYR A 202 -12.50 2.28 32.72
N ARG A 203 -12.33 0.97 32.79
CA ARG A 203 -11.57 0.40 33.88
C ARG A 203 -10.62 -0.60 33.32
N LEU A 204 -9.52 -0.82 34.04
CA LEU A 204 -8.56 -1.81 33.66
C LEU A 204 -8.86 -2.96 34.59
N VAL A 205 -8.37 -4.14 34.25
CA VAL A 205 -8.54 -5.33 35.06
C VAL A 205 -7.98 -5.06 36.46
N ASP A 206 -8.39 -5.86 37.44
CA ASP A 206 -7.94 -5.70 38.82
C ASP A 206 -6.47 -6.08 38.84
N GLY A 207 -5.63 -5.26 39.46
CA GLY A 207 -4.22 -5.62 39.53
C GLY A 207 -3.37 -5.20 38.33
N ALA A 208 -4.01 -4.70 37.27
CA ALA A 208 -3.35 -4.22 36.05
C ALA A 208 -2.27 -3.27 36.49
N SER A 209 -1.10 -3.35 35.86
CA SER A 209 0.07 -2.52 36.19
C SER A 209 -0.17 -1.03 36.02
N LYS A 210 -0.92 -0.65 34.99
CA LYS A 210 -1.26 0.75 34.71
C LYS A 210 -0.12 1.61 34.17
N ASP A 211 0.91 1.83 34.97
CA ASP A 211 2.03 2.66 34.52
C ASP A 211 3.41 2.05 34.78
N GLY A 212 4.49 2.80 34.59
CA GLY A 212 5.81 2.27 34.83
C GLY A 212 6.91 3.23 34.51
N TRP A 213 8.17 2.79 34.57
CA TRP A 213 9.30 3.66 34.28
C TRP A 213 10.38 2.96 33.53
N LEU A 214 11.04 3.68 32.63
CA LEU A 214 12.22 3.11 31.98
C LEU A 214 13.30 4.12 32.28
N PHE A 215 14.46 3.66 32.71
CA PHE A 215 15.57 4.56 33.01
C PHE A 215 16.76 4.07 32.20
N THR A 216 17.34 4.97 31.41
CA THR A 216 18.50 4.65 30.53
C THR A 216 19.76 5.49 30.74
N ALA A 217 20.91 4.83 30.61
CA ALA A 217 22.18 5.53 30.69
C ALA A 217 23.05 4.88 29.64
N GLU A 218 23.40 5.66 28.62
CA GLU A 218 24.24 5.10 27.60
C GLU A 218 25.53 5.85 27.58
N HIS A 219 26.65 5.15 27.44
CA HIS A 219 27.94 5.86 27.36
C HIS A 219 28.65 5.46 26.11
N THR A 220 28.97 6.46 25.26
CA THR A 220 29.68 6.14 24.03
C THR A 220 31.13 6.55 24.14
N GLN A 221 32.02 5.62 23.84
CA GLN A 221 33.43 5.87 23.91
C GLN A 221 34.00 5.64 22.53
N SER A 222 34.75 6.63 22.06
CA SER A 222 35.38 6.56 20.78
C SER A 222 36.60 5.66 20.91
N VAL A 223 36.67 4.61 20.09
CA VAL A 223 37.79 3.66 20.23
C VAL A 223 38.14 2.99 18.91
N LEU A 224 39.40 2.56 18.79
CA LEU A 224 39.85 1.84 17.62
C LEU A 224 39.19 2.25 16.33
N LYS A 225 39.09 3.55 16.12
CA LYS A 225 38.51 4.10 14.91
C LYS A 225 37.04 3.66 14.78
N GLY A 226 36.39 3.47 15.92
CA GLY A 226 35.00 3.05 15.91
C GLY A 226 34.44 3.51 17.21
N PHE A 227 33.55 2.73 17.81
CA PHE A 227 33.00 3.15 19.09
C PHE A 227 32.62 1.95 19.90
N ASN A 228 32.11 2.26 21.07
CA ASN A 228 31.65 1.24 21.95
C ASN A 228 30.62 1.92 22.82
N LYS A 229 29.42 1.32 22.91
CA LYS A 229 28.38 1.85 23.77
C LYS A 229 28.17 0.87 24.91
N PHE A 230 27.95 1.42 26.10
CA PHE A 230 27.70 0.61 27.26
C PHE A 230 26.41 1.16 27.83
N VAL A 231 25.37 0.32 27.83
CA VAL A 231 24.06 0.73 28.33
C VAL A 231 23.64 -0.04 29.55
N VAL A 232 22.81 0.60 30.34
CA VAL A 232 22.27 0.01 31.52
C VAL A 232 20.88 0.61 31.57
N GLN A 233 19.85 -0.22 31.53
CA GLN A 233 18.49 0.26 31.57
C GLN A 233 17.80 -0.49 32.68
N TYR A 234 16.77 0.11 33.24
CA TYR A 234 16.02 -0.53 34.30
C TYR A 234 14.60 -0.11 34.14
N ALA A 235 13.71 -1.04 33.82
CA ALA A 235 12.32 -0.65 33.65
C ALA A 235 11.46 -1.25 34.74
N THR A 236 10.28 -0.69 34.84
CA THR A 236 9.36 -1.02 35.86
C THR A 236 7.93 -1.22 35.44
N ASP A 237 7.35 -2.35 35.83
CA ASP A 237 5.95 -2.64 35.54
C ASP A 237 5.51 -2.53 34.12
N SER A 238 4.63 -1.56 33.83
CA SER A 238 4.11 -1.46 32.46
C SER A 238 5.10 -1.25 31.36
N MET A 239 6.35 -0.97 31.73
CA MET A 239 7.39 -0.76 30.75
C MET A 239 8.23 -2.06 30.52
N THR A 240 7.97 -3.14 31.28
CA THR A 240 8.75 -4.37 31.15
C THR A 240 8.39 -5.26 30.00
N SER A 241 7.13 -5.28 29.59
CA SER A 241 6.75 -6.16 28.49
C SER A 241 7.37 -5.78 27.17
N GLN A 242 7.12 -4.55 26.66
CA GLN A 242 7.73 -4.08 25.41
C GLN A 242 9.25 -3.85 25.62
N GLY A 243 9.62 -3.19 26.72
CA GLY A 243 11.02 -2.99 27.10
C GLY A 243 11.98 -2.19 26.26
N LYS A 244 11.43 -1.13 25.67
CA LYS A 244 12.18 -0.23 24.81
C LYS A 244 11.64 1.16 25.04
N GLY A 245 10.71 1.35 25.96
CA GLY A 245 10.24 2.71 26.17
C GLY A 245 8.74 2.84 25.95
N LEU A 246 8.11 1.76 25.47
CA LEU A 246 6.66 1.80 25.27
C LEU A 246 5.86 1.12 26.39
N SER A 247 4.72 1.72 26.75
CA SER A 247 3.88 1.18 27.83
C SER A 247 2.72 0.27 27.46
N GLN A 248 2.49 -0.70 28.34
CA GLN A 248 1.38 -1.66 28.22
C GLN A 248 0.81 -1.81 29.61
N GLY A 249 0.07 -0.79 30.03
CA GLY A 249 -0.48 -0.76 31.37
C GLY A 249 -1.68 -1.61 31.62
N SER A 250 -2.30 -2.17 30.58
CA SER A 250 -3.49 -2.99 30.78
C SER A 250 -3.28 -4.45 31.18
N GLY A 251 -2.25 -5.11 30.67
CA GLY A 251 -2.01 -6.49 31.08
C GLY A 251 -2.83 -7.61 30.48
N VAL A 252 -3.70 -7.27 29.54
CA VAL A 252 -4.56 -8.22 28.84
C VAL A 252 -4.04 -8.48 27.43
N ALA A 253 -4.04 -9.74 27.03
CA ALA A 253 -3.61 -10.13 25.70
C ALA A 253 -4.78 -10.89 25.11
N PHE A 254 -4.77 -11.18 23.82
CA PHE A 254 -5.88 -11.91 23.25
C PHE A 254 -5.39 -13.04 22.42
N ASP A 255 -6.02 -14.21 22.54
CA ASP A 255 -5.58 -15.34 21.73
C ASP A 255 -6.11 -15.17 20.32
N ASN A 256 -5.84 -16.13 19.45
CA ASN A 256 -6.32 -16.00 18.08
C ASN A 256 -7.83 -16.14 17.96
N GLU A 257 -8.49 -16.64 19.01
CA GLU A 257 -9.94 -16.81 18.99
C GLU A 257 -10.61 -15.64 19.69
N LYS A 258 -9.91 -14.49 19.75
CA LYS A 258 -10.41 -13.27 20.40
C LYS A 258 -10.62 -13.38 21.92
N PHE A 259 -9.94 -14.32 22.58
CA PHE A 259 -10.11 -14.47 24.03
C PHE A 259 -9.12 -13.69 24.83
N ALA A 260 -9.61 -12.89 25.76
CA ALA A 260 -8.72 -12.11 26.59
C ALA A 260 -8.02 -13.07 27.51
N TYR A 261 -6.79 -12.70 27.88
CA TYR A 261 -5.98 -13.45 28.84
C TYR A 261 -5.01 -12.54 29.54
N ASN A 262 -4.89 -12.75 30.83
CA ASN A 262 -4.09 -11.90 31.65
C ASN A 262 -2.60 -12.09 31.62
N ILE A 263 -1.92 -11.14 31.02
CA ILE A 263 -0.47 -11.19 30.96
C ILE A 263 0.20 -10.07 31.77
N ASN A 264 -0.18 -9.91 33.05
CA ASN A 264 0.36 -8.85 33.93
C ASN A 264 1.85 -8.77 33.85
N ASN A 265 2.31 -7.51 33.81
CA ASN A 265 3.72 -7.21 33.72
C ASN A 265 4.31 -6.52 34.93
N ASN A 266 3.63 -6.55 36.08
CA ASN A 266 4.18 -5.95 37.29
C ASN A 266 5.41 -6.74 37.51
N GLY A 267 6.48 -6.01 37.79
CA GLY A 267 7.78 -6.62 37.99
C GLY A 267 8.83 -5.60 37.58
N HIS A 268 9.93 -6.06 37.01
CA HIS A 268 10.95 -5.12 36.56
C HIS A 268 11.84 -5.81 35.55
N MET A 269 12.64 -4.99 34.85
CA MET A 269 13.61 -5.51 33.90
C MET A 269 14.91 -4.80 34.17
N LEU A 270 16.03 -5.51 34.03
CA LEU A 270 17.35 -4.93 34.21
C LEU A 270 18.10 -5.39 32.99
N ARG A 271 18.60 -4.45 32.20
CA ARG A 271 19.30 -4.76 30.96
C ARG A 271 20.66 -4.11 31.03
N ILE A 272 21.70 -4.87 30.78
CA ILE A 272 23.04 -4.32 30.81
C ILE A 272 23.63 -4.75 29.48
N LEU A 273 23.92 -3.76 28.63
CA LEU A 273 24.37 -3.99 27.26
C LEU A 273 25.67 -3.31 26.91
N ASP A 274 26.45 -4.01 26.11
CA ASP A 274 27.64 -3.41 25.60
C ASP A 274 27.84 -3.90 24.18
N HIS A 275 27.96 -2.94 23.28
CA HIS A 275 28.15 -3.27 21.87
C HIS A 275 28.99 -2.21 21.18
N GLY A 276 29.56 -2.58 20.04
CA GLY A 276 30.33 -1.59 19.30
C GLY A 276 30.88 -2.17 18.03
N ALA A 277 31.64 -1.35 17.33
CA ALA A 277 32.33 -1.71 16.10
C ALA A 277 33.71 -1.05 16.24
N ILE A 278 34.76 -1.84 15.97
CA ILE A 278 36.11 -1.35 16.07
C ILE A 278 36.86 -1.88 14.90
N SER A 279 37.70 -1.02 14.33
CA SER A 279 38.53 -1.43 13.20
C SER A 279 39.90 -1.69 13.84
N MET A 280 40.65 -2.61 13.25
CA MET A 280 41.98 -2.94 13.74
C MET A 280 42.85 -3.12 12.50
N GLY A 281 43.61 -2.10 12.13
CA GLY A 281 44.43 -2.23 10.95
C GLY A 281 43.67 -1.75 9.74
N ASP A 282 44.02 -2.28 8.59
CA ASP A 282 43.31 -1.84 7.38
C ASP A 282 42.49 -2.97 6.85
N ASN A 283 42.63 -4.18 7.43
CA ASN A 283 41.89 -5.35 6.96
C ASN A 283 40.87 -5.93 7.88
N TRP A 284 40.73 -5.37 9.06
CA TRP A 284 39.77 -5.93 9.97
C TRP A 284 38.90 -4.94 10.59
N ASP A 285 37.61 -5.27 10.54
CA ASP A 285 36.53 -4.52 11.15
C ASP A 285 35.85 -5.62 11.94
N MET A 286 35.25 -5.26 13.05
CA MET A 286 34.54 -6.24 13.84
C MET A 286 33.45 -5.60 14.63
N MET A 287 32.24 -6.11 14.45
CA MET A 287 31.07 -5.63 15.18
C MET A 287 30.96 -6.65 16.34
N TYR A 288 30.48 -6.25 17.53
CA TYR A 288 30.34 -7.22 18.63
C TYR A 288 29.25 -6.88 19.67
N VAL A 289 28.55 -7.89 20.25
CA VAL A 289 27.51 -7.61 21.29
C VAL A 289 27.73 -8.52 22.48
N GLY A 290 27.18 -8.05 23.59
CA GLY A 290 27.19 -8.81 24.82
C GLY A 290 26.01 -8.29 25.62
N MET A 291 25.02 -9.12 25.94
CA MET A 291 23.89 -8.58 26.74
C MET A 291 23.40 -9.52 27.80
N TYR A 292 22.85 -8.94 28.85
CA TYR A 292 22.25 -9.72 29.89
C TYR A 292 20.97 -9.01 30.25
N GLN A 293 19.85 -9.65 29.97
CA GLN A 293 18.54 -9.04 30.25
C GLN A 293 17.73 -9.96 31.15
N ASP A 294 17.18 -9.40 32.22
CA ASP A 294 16.41 -10.16 33.19
C ASP A 294 15.08 -9.49 33.44
N ILE A 295 14.00 -10.13 32.97
CA ILE A 295 12.64 -9.66 33.21
C ILE A 295 12.13 -10.57 34.31
N ASN A 296 11.83 -9.95 35.42
CA ASN A 296 11.39 -10.64 36.59
C ASN A 296 9.98 -10.24 36.81
N TRP A 297 9.07 -11.16 36.58
CA TRP A 297 7.68 -10.81 36.76
C TRP A 297 7.09 -11.29 38.03
N ASP A 298 6.11 -10.53 38.52
CA ASP A 298 5.44 -10.91 39.74
C ASP A 298 4.74 -12.20 39.52
N ASN A 299 4.32 -12.46 38.29
CA ASN A 299 3.65 -13.69 38.02
C ASN A 299 4.57 -14.84 37.68
N ASP A 300 5.85 -14.70 37.94
CA ASP A 300 6.79 -15.77 37.66
C ASP A 300 6.95 -16.19 36.21
N ASN A 301 6.41 -15.43 35.25
CA ASN A 301 6.65 -15.87 33.90
C ASN A 301 7.72 -15.12 33.11
N GLY A 302 8.66 -14.51 33.81
CA GLY A 302 9.73 -13.77 33.17
C GLY A 302 10.71 -14.70 32.51
N THR A 303 11.87 -14.14 32.14
CA THR A 303 12.98 -14.86 31.49
C THR A 303 14.29 -14.13 31.83
N LYS A 304 15.43 -14.83 31.76
CA LYS A 304 16.76 -14.26 32.03
C LYS A 304 17.58 -14.64 30.80
N TRP A 305 17.88 -13.64 29.96
CA TRP A 305 18.56 -13.82 28.68
C TRP A 305 19.99 -13.31 28.67
N TRP A 306 20.87 -14.04 28.00
CA TRP A 306 22.31 -13.70 27.80
C TRP A 306 22.67 -13.86 26.33
N THR A 307 23.28 -12.87 25.69
CA THR A 307 23.72 -13.10 24.30
C THR A 307 25.15 -12.65 24.17
N VAL A 308 25.80 -13.10 23.11
CA VAL A 308 27.16 -12.68 22.81
C VAL A 308 27.39 -13.09 21.41
N GLY A 309 27.98 -12.18 20.66
CA GLY A 309 28.30 -12.52 19.28
C GLY A 309 29.34 -11.56 18.77
N ILE A 310 29.96 -11.91 17.66
CA ILE A 310 30.94 -11.07 17.05
C ILE A 310 30.82 -11.25 15.57
N ARG A 311 31.04 -10.16 14.84
CA ARG A 311 30.99 -10.16 13.38
C ARG A 311 32.27 -9.53 12.92
N PRO A 312 33.28 -10.35 12.70
CA PRO A 312 34.53 -9.79 12.25
C PRO A 312 34.54 -9.81 10.75
N MET A 313 34.90 -8.69 10.14
CA MET A 313 34.96 -8.59 8.68
C MET A 313 36.43 -8.52 8.31
N TYR A 314 36.84 -9.28 7.31
CA TYR A 314 38.22 -9.21 6.88
C TYR A 314 38.21 -8.76 5.44
N LYS A 315 38.87 -7.63 5.15
CA LYS A 315 38.83 -7.06 3.79
C LYS A 315 39.91 -7.42 2.76
N TRP A 316 39.53 -8.21 1.78
CA TRP A 316 40.45 -8.61 0.74
C TRP A 316 40.71 -7.50 -0.21
N THR A 317 39.76 -6.59 -0.28
CA THR A 317 39.75 -5.51 -1.25
C THR A 317 38.90 -4.39 -0.75
N PRO A 318 39.15 -3.21 -1.29
CA PRO A 318 38.32 -2.11 -0.84
C PRO A 318 36.84 -2.41 -1.07
N ILE A 319 36.50 -3.28 -2.01
CA ILE A 319 35.10 -3.61 -2.19
C ILE A 319 34.71 -5.09 -1.98
N MET A 320 35.65 -5.98 -1.66
CA MET A 320 35.29 -7.40 -1.44
C MET A 320 35.80 -7.89 -0.12
N SER A 321 34.95 -8.54 0.66
CA SER A 321 35.38 -9.06 1.95
C SER A 321 34.79 -10.39 2.26
N THR A 322 35.10 -10.86 3.44
CA THR A 322 34.61 -12.11 3.90
C THR A 322 34.17 -11.78 5.29
N VAL A 323 32.85 -11.84 5.52
CA VAL A 323 32.31 -11.54 6.84
C VAL A 323 31.94 -12.85 7.48
N MET A 324 32.03 -12.91 8.81
CA MET A 324 31.64 -14.11 9.51
C MET A 324 30.94 -13.68 10.80
N GLU A 325 29.87 -14.38 11.19
CA GLU A 325 29.17 -14.04 12.45
C GLU A 325 29.00 -15.26 13.34
N ILE A 326 29.13 -15.05 14.64
CA ILE A 326 29.02 -16.14 15.58
C ILE A 326 28.24 -15.61 16.75
N GLY A 327 27.07 -16.19 16.96
CA GLY A 327 26.23 -15.72 18.07
C GLY A 327 25.75 -16.80 19.01
N TYR A 328 25.52 -16.42 20.27
CA TYR A 328 25.09 -17.38 21.24
C TYR A 328 24.00 -16.86 22.13
N ASP A 329 22.94 -17.64 22.29
CA ASP A 329 21.88 -17.24 23.21
C ASP A 329 21.62 -18.30 24.25
N ASN A 330 21.07 -17.83 25.35
CA ASN A 330 20.70 -18.74 26.39
C ASN A 330 19.61 -18.06 27.20
N VAL A 331 18.40 -18.61 27.19
CA VAL A 331 17.30 -18.02 27.94
C VAL A 331 16.80 -18.99 29.02
N GLU A 332 16.68 -18.54 30.25
CA GLU A 332 16.21 -19.40 31.31
C GLU A 332 14.79 -19.03 31.69
N SER A 333 13.86 -19.99 31.74
CA SER A 333 12.51 -19.63 32.13
C SER A 333 12.38 -19.19 33.57
N GLN A 334 11.77 -18.06 33.83
CA GLN A 334 11.61 -17.63 35.23
C GLN A 334 10.70 -18.65 35.90
N ARG A 335 9.60 -19.02 35.25
CA ARG A 335 8.68 -19.99 35.83
C ARG A 335 9.31 -21.37 36.09
N THR A 336 9.84 -22.03 35.09
CA THR A 336 10.36 -23.34 35.33
C THR A 336 11.83 -23.52 35.61
N GLY A 337 12.64 -22.50 35.42
CA GLY A 337 14.07 -22.66 35.65
C GLY A 337 14.82 -23.42 34.55
N ASP A 338 14.11 -23.86 33.50
CA ASP A 338 14.77 -24.57 32.40
C ASP A 338 15.51 -23.58 31.52
N LYS A 339 16.30 -24.12 30.60
CA LYS A 339 17.08 -23.31 29.69
C LYS A 339 17.14 -23.71 28.25
N ASN A 340 16.84 -22.74 27.40
CA ASN A 340 16.90 -22.88 25.95
C ASN A 340 18.20 -22.18 25.54
N ASN A 341 18.98 -22.76 24.62
CA ASN A 341 20.18 -22.06 24.13
C ASN A 341 20.50 -22.42 22.71
N GLN A 342 21.23 -21.54 22.04
CA GLN A 342 21.61 -21.79 20.65
C GLN A 342 22.90 -21.12 20.30
N TYR A 343 23.57 -21.67 19.29
CA TYR A 343 24.77 -21.05 18.76
C TYR A 343 24.67 -21.06 17.22
N LYS A 344 24.88 -19.88 16.64
CA LYS A 344 24.82 -19.72 15.20
C LYS A 344 26.19 -19.34 14.69
N ILE A 345 26.54 -19.81 13.51
CA ILE A 345 27.81 -19.45 12.92
C ILE A 345 27.57 -19.20 11.47
N THR A 346 27.75 -17.97 10.98
CA THR A 346 27.53 -17.72 9.55
C THR A 346 28.86 -17.35 8.92
N LEU A 347 29.05 -17.73 7.66
CA LEU A 347 30.28 -17.41 6.95
C LEU A 347 29.78 -16.84 5.65
N ALA A 348 30.08 -15.57 5.37
CA ALA A 348 29.60 -14.89 4.14
C ALA A 348 30.72 -14.25 3.28
N GLN A 349 30.49 -14.15 1.99
CA GLN A 349 31.44 -13.48 1.10
C GLN A 349 30.67 -12.29 0.56
N GLN A 350 31.04 -11.07 0.91
CA GLN A 350 30.26 -9.95 0.40
C GLN A 350 31.01 -8.98 -0.48
N TRP A 351 30.26 -8.18 -1.22
CA TRP A 351 30.76 -7.12 -2.08
C TRP A 351 30.00 -5.94 -1.57
N GLN A 352 30.65 -4.87 -1.15
CA GLN A 352 29.88 -3.74 -0.69
C GLN A 352 30.44 -2.44 -1.20
N ALA A 353 29.61 -1.44 -1.27
CA ALA A 353 30.02 -0.15 -1.73
C ALA A 353 30.68 0.57 -0.60
N GLY A 354 31.92 0.19 -0.27
CA GLY A 354 32.61 0.84 0.82
C GLY A 354 33.61 -0.09 1.48
N ASP A 355 34.52 0.45 2.31
CA ASP A 355 35.51 -0.41 2.96
C ASP A 355 35.12 -0.59 4.40
N SER A 356 33.88 -0.32 4.76
CA SER A 356 33.52 -0.49 6.14
C SER A 356 32.63 -1.63 6.40
N ILE A 357 32.57 -2.03 7.67
CA ILE A 357 31.69 -3.08 8.11
C ILE A 357 30.32 -2.40 8.24
N TRP A 358 30.26 -1.11 7.96
CA TRP A 358 29.01 -0.38 7.99
C TRP A 358 28.60 0.06 6.61
N SER A 359 29.39 -0.29 5.60
CA SER A 359 29.12 0.16 4.25
C SER A 359 27.99 -0.60 3.61
N ARG A 360 27.00 0.12 3.05
CA ARG A 360 25.87 -0.52 2.34
C ARG A 360 25.75 0.20 0.98
N PRO A 361 25.28 -0.48 -0.09
CA PRO A 361 24.73 -1.81 -0.20
C PRO A 361 25.75 -2.89 -0.06
N ALA A 362 25.32 -4.09 0.30
CA ALA A 362 26.22 -5.22 0.42
C ALA A 362 25.51 -6.32 -0.31
N ILE A 363 26.25 -7.14 -1.04
CA ILE A 363 25.60 -8.25 -1.69
C ILE A 363 26.32 -9.44 -1.09
N ARG A 364 25.60 -10.31 -0.39
CA ARG A 364 26.20 -11.47 0.26
C ARG A 364 25.87 -12.83 -0.31
N VAL A 365 26.78 -13.75 -0.10
CA VAL A 365 26.54 -15.14 -0.50
C VAL A 365 26.97 -15.77 0.78
N PHE A 366 26.09 -16.50 1.48
CA PHE A 366 26.46 -17.00 2.83
C PHE A 366 26.03 -18.43 3.10
N ALA A 367 26.49 -18.95 4.22
CA ALA A 367 26.10 -20.29 4.66
C ALA A 367 25.97 -20.15 6.16
N THR A 368 24.85 -20.63 6.71
CA THR A 368 24.60 -20.54 8.16
C THR A 368 24.40 -21.90 8.82
N TYR A 369 24.86 -22.05 10.07
CA TYR A 369 24.68 -23.32 10.81
C TYR A 369 24.21 -22.99 12.19
N ALA A 370 23.09 -23.57 12.59
CA ALA A 370 22.60 -23.30 13.93
C ALA A 370 22.35 -24.59 14.62
N LYS A 371 22.72 -24.66 15.88
CA LYS A 371 22.47 -25.86 16.63
C LYS A 371 21.82 -25.47 17.95
N TRP A 372 20.59 -25.90 18.20
CA TRP A 372 19.91 -25.54 19.46
C TRP A 372 19.53 -26.74 20.30
N ASP A 373 19.15 -26.44 21.53
CA ASP A 373 18.74 -27.45 22.47
C ASP A 373 17.93 -26.70 23.45
N GLU A 374 16.63 -26.68 23.19
CA GLU A 374 15.70 -25.96 24.02
C GLU A 374 14.94 -26.92 24.94
N LYS A 375 14.90 -26.59 26.23
CA LYS A 375 14.21 -27.40 27.22
C LYS A 375 12.89 -26.80 27.80
N TRP A 376 12.32 -25.82 27.11
CA TRP A 376 11.07 -25.22 27.51
C TRP A 376 10.44 -24.42 26.38
N GLY A 377 9.17 -24.09 26.50
CA GLY A 377 8.52 -23.35 25.44
C GLY A 377 7.27 -22.74 26.00
N TYR A 378 6.53 -21.99 25.20
CA TYR A 378 5.33 -21.43 25.74
C TYR A 378 4.13 -22.26 25.32
N ASP A 379 3.17 -22.39 26.21
CA ASP A 379 2.03 -23.18 25.85
C ASP A 379 1.03 -22.31 25.15
N TYR A 380 0.91 -22.56 23.87
CA TYR A 380 -0.05 -21.82 23.08
C TYR A 380 -1.05 -22.81 22.44
N THR A 381 -1.14 -24.00 23.02
CA THR A 381 -2.06 -25.01 22.53
C THR A 381 -3.42 -24.64 23.08
N GLY A 382 -4.47 -25.10 22.42
CA GLY A 382 -5.79 -24.80 22.90
C GLY A 382 -6.11 -23.35 22.64
N ASN A 383 -6.87 -22.75 23.54
CA ASN A 383 -7.26 -21.36 23.39
C ASN A 383 -7.25 -20.79 24.79
N ALA A 384 -7.21 -19.47 24.90
CA ALA A 384 -7.20 -18.83 26.19
C ALA A 384 -8.33 -19.34 27.08
N ASP A 385 -9.41 -19.89 26.47
CA ASP A 385 -10.55 -20.46 27.19
C ASP A 385 -10.32 -21.96 27.51
N ASN A 386 -9.94 -22.79 26.51
CA ASN A 386 -9.66 -24.23 26.73
C ASN A 386 -8.53 -24.36 27.76
N ASN A 387 -7.48 -23.61 27.49
CA ASN A 387 -6.25 -23.61 28.24
C ASN A 387 -6.07 -22.64 29.37
N ALA A 388 -5.63 -23.15 30.49
CA ALA A 388 -5.40 -22.32 31.64
C ALA A 388 -3.94 -21.93 31.74
N ASN A 389 -3.09 -22.70 31.08
CA ASN A 389 -1.65 -22.46 31.03
C ASN A 389 -1.29 -21.71 29.76
N PHE A 390 -2.30 -21.18 29.08
CA PHE A 390 -2.08 -20.53 27.83
C PHE A 390 -1.13 -19.39 27.98
N GLY A 391 -0.04 -19.45 27.21
CA GLY A 391 0.97 -18.43 27.26
C GLY A 391 2.05 -18.58 28.32
N LYS A 392 1.99 -19.62 29.15
CA LYS A 392 2.97 -19.82 30.21
C LYS A 392 4.11 -20.62 29.70
N ALA A 393 5.26 -20.39 30.31
CA ALA A 393 6.46 -21.16 29.96
C ALA A 393 6.14 -22.59 30.45
N VAL A 394 6.67 -23.61 29.81
CA VAL A 394 6.31 -24.97 30.19
C VAL A 394 7.42 -25.84 29.65
N PRO A 395 7.81 -26.88 30.36
CA PRO A 395 8.89 -27.74 29.87
C PRO A 395 8.66 -28.40 28.57
N ALA A 396 9.75 -28.65 27.90
CA ALA A 396 9.70 -29.26 26.61
C ALA A 396 8.69 -30.37 26.47
N ASP A 397 8.69 -31.28 27.42
CA ASP A 397 7.79 -32.44 27.35
C ASP A 397 6.50 -32.29 28.16
N PHE A 398 6.19 -31.10 28.63
CA PHE A 398 5.00 -30.92 29.41
C PHE A 398 3.80 -31.67 28.90
N ASN A 399 3.12 -32.34 29.83
CA ASN A 399 1.92 -33.17 29.58
C ASN A 399 1.99 -34.01 28.29
N GLY A 400 3.13 -34.65 28.06
CA GLY A 400 3.28 -35.48 26.89
C GLY A 400 3.45 -34.75 25.58
N GLY A 401 2.92 -33.53 25.45
CA GLY A 401 3.09 -32.80 24.20
C GLY A 401 4.52 -32.31 24.10
N SER A 402 4.75 -31.28 23.32
CA SER A 402 6.11 -30.78 23.26
C SER A 402 6.15 -29.29 23.01
N PHE A 403 7.13 -28.67 23.65
CA PHE A 403 7.29 -27.25 23.61
C PHE A 403 8.73 -26.82 23.34
N GLY A 404 8.85 -25.85 22.45
CA GLY A 404 10.17 -25.39 22.11
C GLY A 404 10.67 -26.06 20.87
N ARG A 405 11.80 -25.60 20.37
CA ARG A 405 12.33 -26.11 19.13
C ARG A 405 13.04 -27.43 19.22
N GLY A 406 13.21 -27.97 20.42
CA GLY A 406 13.89 -29.25 20.48
C GLY A 406 15.39 -29.21 20.63
N ASP A 407 16.04 -30.27 20.21
CA ASP A 407 17.49 -30.33 20.35
C ASP A 407 17.91 -30.71 18.98
N SER A 408 18.39 -29.73 18.22
CA SER A 408 18.72 -30.01 16.87
C SER A 408 19.78 -29.17 16.15
N ASP A 409 19.66 -29.23 14.82
CA ASP A 409 20.55 -28.63 13.86
C ASP A 409 19.87 -28.25 12.61
N GLU A 410 20.61 -27.49 11.83
CA GLU A 410 20.21 -27.12 10.49
C GLU A 410 21.22 -26.17 9.95
N TRP A 411 21.31 -26.15 8.62
CA TRP A 411 22.20 -25.25 7.94
C TRP A 411 21.48 -24.70 6.73
N THR A 412 21.70 -23.42 6.46
CA THR A 412 21.08 -22.79 5.31
C THR A 412 22.11 -22.09 4.50
N PHE A 413 21.68 -21.50 3.40
CA PHE A 413 22.58 -20.75 2.54
C PHE A 413 21.83 -19.99 1.47
N GLY A 414 22.45 -18.95 0.94
CA GLY A 414 21.80 -18.18 -0.10
C GLY A 414 22.54 -16.92 -0.46
N ALA A 415 21.84 -15.97 -1.03
CA ALA A 415 22.43 -14.73 -1.47
C ALA A 415 21.48 -13.69 -0.99
N GLN A 416 21.94 -12.50 -0.65
CA GLN A 416 21.03 -11.46 -0.17
C GLN A 416 21.66 -10.10 -0.34
N MET A 417 20.88 -9.05 -0.56
CA MET A 417 21.44 -7.73 -0.63
C MET A 417 20.87 -7.04 0.56
N GLU A 418 21.57 -6.06 1.14
CA GLU A 418 21.03 -5.26 2.24
C GLU A 418 21.50 -3.85 2.00
N ILE A 419 20.71 -2.84 2.37
CA ILE A 419 21.14 -1.51 2.08
C ILE A 419 20.36 -0.47 2.78
N TRP A 420 21.05 0.56 3.25
CA TRP A 420 20.35 1.71 3.79
C TRP A 420 20.83 2.89 2.93
N TRP A 421 19.98 3.87 2.71
CA TRP A 421 20.37 4.98 1.88
C TRP A 421 19.71 6.25 2.29
N VAL B 1 11.55 13.98 -10.87
CA VAL B 1 10.19 13.59 -10.43
C VAL B 1 9.62 14.76 -9.65
N ASP B 2 8.33 15.00 -9.75
CA ASP B 2 7.73 16.11 -9.02
C ASP B 2 7.08 15.49 -7.81
N PHE B 3 7.35 16.00 -6.63
CA PHE B 3 6.80 15.41 -5.45
C PHE B 3 5.86 16.36 -4.75
N HIS B 4 4.58 16.03 -4.75
CA HIS B 4 3.63 16.87 -4.06
C HIS B 4 2.70 16.08 -3.20
N GLY B 5 1.87 16.79 -2.43
CA GLY B 5 0.90 16.13 -1.59
C GLY B 5 0.18 16.94 -0.52
N TYR B 6 -0.29 16.19 0.47
CA TYR B 6 -0.98 16.76 1.61
C TYR B 6 -0.77 15.78 2.74
N ALA B 7 -0.73 16.25 3.96
CA ALA B 7 -0.57 15.33 5.07
C ALA B 7 -0.90 16.08 6.32
N ARG B 8 -1.34 15.36 7.34
CA ARG B 8 -1.63 15.95 8.63
C ARG B 8 -1.40 14.79 9.54
N SER B 9 -0.77 15.05 10.68
CA SER B 9 -0.49 14.00 11.63
C SER B 9 -0.28 14.66 12.99
N GLY B 10 -0.55 13.96 14.08
CA GLY B 10 -0.37 14.63 15.35
C GLY B 10 -0.65 13.69 16.51
N ILE B 11 -0.64 14.25 17.73
CA ILE B 11 -0.92 13.53 18.98
C ILE B 11 -1.92 14.39 19.75
N GLY B 12 -2.80 13.77 20.51
CA GLY B 12 -3.80 14.54 21.24
C GLY B 12 -4.39 13.79 22.43
N TRP B 13 -5.19 14.52 23.19
CA TRP B 13 -5.78 13.98 24.39
C TRP B 13 -7.16 14.54 24.65
N THR B 14 -8.06 13.71 25.20
CA THR B 14 -9.41 14.17 25.54
C THR B 14 -9.40 14.51 27.03
N GLY B 15 -9.96 15.67 27.35
CA GLY B 15 -10.00 16.14 28.73
C GLY B 15 -10.48 15.11 29.72
N SER B 16 -11.66 14.53 29.46
CA SER B 16 -12.25 13.50 30.29
C SER B 16 -11.38 12.24 30.45
N GLY B 17 -10.51 11.98 29.48
CA GLY B 17 -9.67 10.81 29.52
C GLY B 17 -9.49 10.16 28.17
N GLY B 18 -8.30 9.57 28.00
CA GLY B 18 -7.94 8.88 26.79
C GLY B 18 -7.57 9.73 25.60
N GLU B 19 -7.28 9.04 24.52
CA GLU B 19 -6.92 9.66 23.27
C GLU B 19 -7.89 10.74 22.87
N GLN B 20 -7.41 11.63 22.04
CA GLN B 20 -8.20 12.73 21.60
C GLN B 20 -9.37 12.29 20.78
N GLN B 21 -10.48 13.00 20.94
CA GLN B 21 -11.71 12.75 20.23
C GLN B 21 -12.09 13.91 19.37
N CYS B 22 -12.93 13.65 18.37
CA CYS B 22 -13.35 14.69 17.47
C CYS B 22 -14.86 14.95 17.47
N PHE B 23 -15.26 16.19 17.26
CA PHE B 23 -16.66 16.51 17.36
C PHE B 23 -17.37 16.95 16.13
N GLN B 24 -18.27 16.11 15.62
CA GLN B 24 -19.09 16.47 14.45
C GLN B 24 -20.61 16.36 14.75
N THR B 25 -21.39 17.37 14.40
CA THR B 25 -22.82 17.30 14.66
C THR B 25 -23.53 16.23 13.83
N THR B 26 -24.39 15.41 14.47
CA THR B 26 -25.17 14.34 13.76
C THR B 26 -26.04 15.00 12.70
N GLY B 27 -25.86 14.61 11.45
CA GLY B 27 -26.64 15.25 10.39
C GLY B 27 -25.82 16.29 9.60
N ALA B 28 -24.75 16.80 10.20
CA ALA B 28 -23.91 17.73 9.49
C ALA B 28 -22.98 16.92 8.61
N GLN B 29 -22.60 17.41 7.44
CA GLN B 29 -21.69 16.67 6.59
C GLN B 29 -20.23 17.16 6.79
N SER B 30 -19.96 17.87 7.89
CA SER B 30 -18.63 18.41 8.13
C SER B 30 -18.39 18.74 9.60
N LYS B 31 -17.12 19.05 9.93
CA LYS B 31 -16.73 19.48 11.29
C LYS B 31 -15.73 20.63 11.09
N TYR B 32 -15.63 21.57 12.03
CA TYR B 32 -14.67 22.64 11.90
C TYR B 32 -13.36 21.95 12.28
N ARG B 33 -12.44 21.84 11.34
CA ARG B 33 -11.21 21.11 11.59
C ARG B 33 -10.16 21.54 12.59
N LEU B 34 -9.93 22.83 12.77
CA LEU B 34 -8.84 23.24 13.66
C LEU B 34 -8.97 22.59 15.02
N GLY B 35 -7.99 21.75 15.34
CA GLY B 35 -7.97 21.10 16.64
C GLY B 35 -9.10 20.11 16.80
N ASN B 36 -9.51 19.51 15.68
CA ASN B 36 -10.62 18.58 15.68
C ASN B 36 -10.49 17.54 14.55
N GLU B 37 -9.25 17.05 14.34
CA GLU B 37 -8.97 16.05 13.31
C GLU B 37 -8.31 14.91 14.03
N CYS B 38 -8.86 13.71 13.85
CA CYS B 38 -8.36 12.55 14.58
C CYS B 38 -7.67 11.39 13.81
N GLU B 39 -6.90 11.69 12.74
CA GLU B 39 -6.17 10.67 11.96
C GLU B 39 -4.97 11.24 11.26
N THR B 40 -4.06 10.37 10.82
CA THR B 40 -2.93 10.81 10.05
C THR B 40 -3.48 10.53 8.68
N TYR B 41 -3.48 11.53 7.82
CA TYR B 41 -4.01 11.35 6.48
C TYR B 41 -2.92 11.89 5.58
N ALA B 42 -2.63 11.24 4.45
CA ALA B 42 -1.58 11.74 3.58
C ALA B 42 -1.75 11.30 2.15
N GLU B 43 -1.51 12.21 1.21
CA GLU B 43 -1.57 11.87 -0.22
C GLU B 43 -0.17 12.09 -0.73
N LEU B 44 0.42 11.09 -1.37
CA LEU B 44 1.76 11.26 -1.89
C LEU B 44 1.73 11.26 -3.40
N LYS B 45 1.91 12.43 -4.00
CA LYS B 45 1.93 12.59 -5.43
C LYS B 45 3.34 12.60 -6.00
N LEU B 46 3.55 11.87 -7.08
CA LEU B 46 4.81 11.80 -7.78
C LEU B 46 4.36 11.95 -9.22
N GLY B 47 4.72 13.06 -9.85
CA GLY B 47 4.34 13.27 -11.23
C GLY B 47 5.54 13.69 -12.05
N GLN B 48 5.34 14.01 -13.32
CA GLN B 48 6.46 14.38 -14.15
C GLN B 48 6.08 14.77 -15.54
N GLU B 49 6.65 15.88 -16.03
CA GLU B 49 6.38 16.33 -17.39
C GLU B 49 7.18 15.39 -18.22
N VAL B 50 6.52 14.49 -18.94
CA VAL B 50 7.31 13.53 -19.66
C VAL B 50 7.67 13.90 -21.08
N TRP B 51 7.15 15.00 -21.60
CA TRP B 51 7.50 15.32 -22.97
C TRP B 51 7.10 16.72 -23.26
N LYS B 52 8.04 17.54 -23.75
CA LYS B 52 7.74 18.91 -24.11
C LYS B 52 8.34 19.23 -25.42
N GLU B 53 7.65 19.97 -26.26
CA GLU B 53 8.21 20.40 -27.53
C GLU B 53 7.58 21.72 -27.79
N GLY B 54 8.26 22.75 -27.31
CA GLY B 54 7.71 24.03 -27.54
C GLY B 54 6.60 24.21 -26.57
N ASP B 55 5.42 24.47 -27.10
CA ASP B 55 4.20 24.73 -26.34
C ASP B 55 3.58 23.43 -25.82
N LYS B 56 3.85 22.35 -26.54
CA LYS B 56 3.32 21.06 -26.24
C LYS B 56 4.02 20.29 -25.17
N SER B 57 3.25 19.65 -24.29
CA SER B 57 3.79 18.79 -23.25
C SER B 57 2.77 17.73 -22.89
N PHE B 58 3.25 16.71 -22.20
CA PHE B 58 2.43 15.63 -21.66
C PHE B 58 2.92 15.52 -20.24
N TYR B 59 2.00 15.73 -19.29
CA TYR B 59 2.31 15.59 -17.89
C TYR B 59 1.66 14.32 -17.31
N PHE B 60 2.40 13.54 -16.53
CA PHE B 60 1.90 12.31 -15.89
C PHE B 60 1.85 12.63 -14.41
N ASP B 61 0.73 12.34 -13.74
CA ASP B 61 0.55 12.65 -12.28
C ASP B 61 -0.13 11.49 -11.56
N THR B 62 0.22 11.22 -10.30
CA THR B 62 -0.37 10.09 -9.60
C THR B 62 -0.70 10.46 -8.17
N ASN B 63 -1.45 9.64 -7.45
CA ASN B 63 -1.74 9.99 -6.04
C ASN B 63 -2.01 8.76 -5.22
N VAL B 64 -1.31 8.57 -4.09
CA VAL B 64 -1.56 7.40 -3.29
C VAL B 64 -1.84 7.90 -1.90
N ALA B 65 -3.09 7.73 -1.44
CA ALA B 65 -3.52 8.22 -0.13
C ALA B 65 -3.50 7.17 0.96
N TYR B 66 -3.10 7.59 2.17
CA TYR B 66 -3.01 6.76 3.34
C TYR B 66 -3.75 7.40 4.50
N SER B 67 -4.53 6.60 5.21
CA SER B 67 -5.26 7.10 6.38
C SER B 67 -4.96 6.14 7.51
N VAL B 68 -4.46 6.59 8.65
CA VAL B 68 -4.17 5.67 9.73
C VAL B 68 -4.65 6.32 11.04
N ALA B 69 -4.83 5.52 12.08
CA ALA B 69 -5.38 6.05 13.31
C ALA B 69 -4.44 6.79 14.18
N GLN B 70 -3.18 6.69 13.83
CA GLN B 70 -2.15 7.36 14.60
C GLN B 70 -2.25 7.13 16.07
N GLN B 71 -2.37 5.86 16.40
CA GLN B 71 -2.38 5.43 17.77
C GLN B 71 -1.18 4.55 17.94
N ASN B 72 -0.44 4.31 16.88
CA ASN B 72 0.72 3.47 16.96
C ASN B 72 1.72 3.72 15.84
N ASP B 73 2.89 3.11 15.98
CA ASP B 73 3.92 3.25 14.95
C ASP B 73 3.52 2.42 13.76
N TRP B 74 3.73 1.11 13.84
CA TRP B 74 3.41 0.20 12.75
C TRP B 74 1.91 0.16 12.46
N GLU B 75 1.44 0.81 11.41
CA GLU B 75 0.03 0.78 11.17
C GLU B 75 -0.22 0.38 9.78
N ALA B 76 -0.45 -0.91 9.57
CA ALA B 76 -0.73 -1.47 8.26
C ALA B 76 -2.05 -0.90 7.77
N THR B 77 -2.20 -0.67 6.48
CA THR B 77 -3.41 -0.09 5.93
C THR B 77 -3.49 -0.37 4.42
N ASP B 78 -4.69 -0.38 3.84
CA ASP B 78 -4.81 -0.56 2.39
C ASP B 78 -4.84 0.88 1.84
N PRO B 79 -3.77 1.27 1.12
CA PRO B 79 -3.75 2.62 0.58
C PRO B 79 -4.74 2.75 -0.57
N ALA B 80 -5.27 3.93 -0.86
CA ALA B 80 -6.24 4.09 -1.98
C ALA B 80 -5.57 4.67 -3.20
N PHE B 81 -5.33 3.93 -4.26
CA PHE B 81 -4.69 4.51 -5.46
C PHE B 81 -5.72 5.49 -6.10
N ARG B 82 -5.62 6.77 -5.80
CA ARG B 82 -6.55 7.77 -6.28
C ARG B 82 -6.36 8.51 -7.59
N GLU B 83 -5.10 8.69 -8.04
CA GLU B 83 -4.81 9.38 -9.32
C GLU B 83 -3.79 8.66 -10.15
N ALA B 84 -4.00 8.64 -11.46
CA ALA B 84 -3.07 8.03 -12.40
C ALA B 84 -3.61 8.48 -13.75
N ASN B 85 -3.27 9.71 -14.15
CA ASN B 85 -3.76 10.27 -15.42
C ASN B 85 -2.66 10.94 -16.24
N VAL B 86 -2.97 11.34 -17.46
CA VAL B 86 -1.99 12.00 -18.32
C VAL B 86 -2.69 13.17 -18.92
N GLN B 87 -2.05 14.33 -18.89
CA GLN B 87 -2.64 15.54 -19.49
C GLN B 87 -1.79 16.00 -20.60
N GLY B 88 -2.37 16.17 -21.77
CA GLY B 88 -1.59 16.63 -22.91
C GLY B 88 -2.00 18.05 -23.27
N LYS B 89 -1.22 19.09 -22.87
CA LYS B 89 -1.60 20.48 -23.22
C LYS B 89 -1.09 20.90 -24.58
N ASN B 90 -1.92 21.72 -25.22
CA ASN B 90 -1.68 22.26 -26.54
C ASN B 90 -1.52 21.22 -27.61
N LEU B 91 -2.23 20.11 -27.54
CA LEU B 91 -2.04 19.13 -28.60
C LEU B 91 -2.98 19.36 -29.78
N ILE B 92 -3.89 20.31 -29.62
CA ILE B 92 -4.88 20.63 -30.65
C ILE B 92 -4.82 22.12 -31.09
N GLU B 93 -4.33 22.31 -32.32
CA GLU B 93 -4.13 23.61 -32.97
C GLU B 93 -5.43 24.41 -32.98
N TRP B 94 -6.51 23.78 -33.48
CA TRP B 94 -7.81 24.42 -33.54
C TRP B 94 -8.35 24.95 -32.21
N LEU B 95 -8.03 24.30 -31.09
CA LEU B 95 -8.52 24.72 -29.77
C LEU B 95 -7.28 24.99 -28.90
N PRO B 96 -6.53 26.07 -29.20
CA PRO B 96 -5.32 26.43 -28.46
C PRO B 96 -5.45 26.62 -26.98
N GLY B 97 -4.36 26.27 -26.29
CA GLY B 97 -4.28 26.38 -24.84
C GLY B 97 -5.08 25.34 -24.07
N SER B 98 -5.77 24.45 -24.78
CA SER B 98 -6.59 23.47 -24.13
C SER B 98 -5.85 22.17 -23.93
N THR B 99 -6.24 21.47 -22.87
CA THR B 99 -5.68 20.18 -22.47
C THR B 99 -6.66 19.02 -22.60
N ILE B 100 -6.17 17.86 -23.04
CA ILE B 100 -7.00 16.69 -23.07
C ILE B 100 -6.39 15.75 -22.05
N TRP B 101 -7.22 15.09 -21.25
CA TRP B 101 -6.73 14.16 -20.23
C TRP B 101 -7.53 12.85 -20.16
N ALA B 102 -7.01 11.84 -19.46
CA ALA B 102 -7.70 10.56 -19.33
C ALA B 102 -6.99 9.87 -18.17
N GLY B 103 -7.75 9.18 -17.34
CA GLY B 103 -7.12 8.48 -16.24
C GLY B 103 -7.85 8.88 -15.00
N LYS B 104 -7.49 8.31 -13.86
CA LYS B 104 -8.21 8.70 -12.66
C LYS B 104 -7.60 10.05 -12.29
N ARG B 105 -8.40 11.09 -12.05
CA ARG B 105 -7.83 12.39 -11.71
C ARG B 105 -8.67 13.18 -10.75
N PHE B 106 -8.09 13.87 -9.77
CA PHE B 106 -8.91 14.74 -8.89
C PHE B 106 -9.22 15.92 -9.84
N TYR B 107 -10.44 16.06 -10.35
CA TYR B 107 -10.76 17.12 -11.31
C TYR B 107 -11.41 18.36 -10.80
N GLN B 108 -10.70 19.48 -10.80
CA GLN B 108 -11.23 20.79 -10.37
C GLN B 108 -12.15 20.78 -9.17
N ARG B 109 -11.64 20.50 -7.98
CA ARG B 109 -12.51 20.43 -6.84
C ARG B 109 -12.61 21.68 -6.03
N HIS B 110 -13.83 22.12 -5.80
CA HIS B 110 -14.04 23.32 -5.00
C HIS B 110 -14.31 22.79 -3.62
N ASP B 111 -13.82 23.45 -2.59
CA ASP B 111 -14.01 22.97 -1.25
C ASP B 111 -13.84 24.11 -0.30
N VAL B 112 -14.18 23.94 0.97
CA VAL B 112 -14.10 25.00 1.95
C VAL B 112 -13.17 24.49 3.01
N HIS B 113 -11.93 24.94 2.97
CA HIS B 113 -10.93 24.47 3.91
C HIS B 113 -11.20 24.26 5.38
N MET B 114 -11.63 25.26 6.13
CA MET B 114 -11.79 25.04 7.57
C MET B 114 -12.75 23.95 7.95
N ILE B 115 -13.77 23.71 7.13
CA ILE B 115 -14.66 22.64 7.45
C ILE B 115 -14.34 21.40 6.61
N ASP B 116 -13.32 21.51 5.76
CA ASP B 116 -12.89 20.40 4.91
C ASP B 116 -14.05 19.87 4.14
N PHE B 117 -14.84 20.74 3.55
CA PHE B 117 -16.04 20.30 2.86
C PHE B 117 -15.87 20.48 1.36
N TYR B 118 -15.87 19.43 0.56
CA TYR B 118 -15.79 19.65 -0.88
C TYR B 118 -17.20 19.88 -1.35
N TYR B 119 -17.48 20.97 -2.02
CA TYR B 119 -18.86 21.13 -2.44
C TYR B 119 -19.11 20.91 -3.89
N TRP B 120 -18.04 20.73 -4.68
CA TRP B 120 -18.17 20.46 -6.13
C TRP B 120 -16.97 19.58 -6.41
N ASP B 121 -17.19 18.29 -6.57
CA ASP B 121 -16.07 17.38 -6.76
C ASP B 121 -16.56 16.13 -7.47
N ILE B 122 -16.31 16.02 -8.76
CA ILE B 122 -16.71 14.86 -9.50
C ILE B 122 -15.50 13.98 -9.81
N SER B 123 -14.43 14.09 -9.02
CA SER B 123 -13.27 13.27 -9.40
C SER B 123 -13.43 11.77 -9.40
N GLY B 124 -12.64 11.09 -10.23
CA GLY B 124 -12.68 9.65 -10.30
C GLY B 124 -12.14 9.27 -11.65
N PRO B 125 -12.31 8.04 -12.12
CA PRO B 125 -11.81 7.67 -13.44
C PRO B 125 -12.54 8.58 -14.40
N GLY B 126 -11.90 9.11 -15.43
CA GLY B 126 -12.59 9.98 -16.35
C GLY B 126 -11.76 10.40 -17.54
N ALA B 127 -12.28 11.35 -18.30
CA ALA B 127 -11.57 11.88 -19.45
C ALA B 127 -12.24 13.19 -19.80
N GLY B 128 -11.57 14.03 -20.60
CA GLY B 128 -12.15 15.33 -20.95
C GLY B 128 -11.28 16.31 -21.74
N LEU B 129 -11.90 17.35 -22.27
CA LEU B 129 -11.23 18.39 -23.05
C LEU B 129 -11.35 19.60 -22.16
N GLU B 130 -10.25 20.03 -21.55
CA GLU B 130 -10.22 21.12 -20.57
C GLU B 130 -9.77 22.47 -21.08
N ASN B 131 -10.20 23.56 -20.44
CA ASN B 131 -9.81 24.94 -20.80
C ASN B 131 -9.83 25.32 -22.26
N ILE B 132 -10.96 25.17 -22.90
CA ILE B 132 -11.12 25.56 -24.28
C ILE B 132 -11.37 27.07 -24.22
N ASP B 133 -10.54 27.89 -24.88
CA ASP B 133 -10.79 29.35 -24.81
C ASP B 133 -11.97 29.68 -25.66
N VAL B 134 -12.98 30.27 -25.04
CA VAL B 134 -14.22 30.58 -25.71
C VAL B 134 -14.48 32.08 -25.84
N GLY B 135 -13.46 32.87 -25.61
CA GLY B 135 -13.66 34.30 -25.73
C GLY B 135 -13.96 34.90 -24.41
N PHE B 136 -15.24 34.94 -24.05
CA PHE B 136 -15.64 35.52 -22.78
C PHE B 136 -15.21 34.70 -21.56
N GLY B 137 -14.86 33.43 -21.78
CA GLY B 137 -14.41 32.58 -20.71
C GLY B 137 -13.82 31.31 -21.28
N LYS B 138 -13.51 30.40 -20.37
CA LYS B 138 -12.92 29.12 -20.70
C LYS B 138 -13.91 27.96 -20.47
N LEU B 139 -14.19 27.21 -21.52
CA LEU B 139 -15.13 26.11 -21.46
C LEU B 139 -14.43 24.80 -21.24
N SER B 140 -14.95 23.99 -20.32
CA SER B 140 -14.37 22.66 -20.05
C SER B 140 -15.43 21.50 -20.12
N LEU B 141 -15.06 20.38 -20.71
CA LEU B 141 -15.97 19.24 -20.81
C LEU B 141 -15.37 17.97 -20.21
N ALA B 142 -16.09 17.25 -19.33
CA ALA B 142 -15.57 15.98 -18.70
C ALA B 142 -16.64 14.95 -18.49
N ALA B 143 -16.20 13.71 -18.31
CA ALA B 143 -17.09 12.61 -17.99
C ALA B 143 -16.34 11.78 -16.97
N THR B 144 -16.88 11.67 -15.76
CA THR B 144 -16.23 10.83 -14.75
C THR B 144 -17.16 9.66 -14.39
N ARG B 145 -16.70 8.79 -13.49
CA ARG B 145 -17.45 7.61 -13.12
C ARG B 145 -17.36 7.23 -11.67
N SER B 146 -18.47 6.73 -11.16
CA SER B 146 -18.58 6.24 -9.79
C SER B 146 -19.37 4.97 -9.95
N SER B 147 -19.42 4.18 -8.89
CA SER B 147 -20.19 2.96 -8.95
C SER B 147 -20.72 2.71 -7.55
N GLU B 148 -21.99 2.33 -7.42
CA GLU B 148 -22.59 2.08 -6.10
C GLU B 148 -22.36 0.61 -5.84
N ALA B 149 -22.20 0.25 -4.57
CA ALA B 149 -21.93 -1.12 -4.15
C ALA B 149 -22.84 -2.21 -4.71
N GLY B 150 -24.12 -1.91 -4.86
CA GLY B 150 -25.05 -2.85 -5.44
C GLY B 150 -26.21 -1.97 -5.78
N GLY B 151 -27.37 -2.53 -6.10
CA GLY B 151 -28.54 -1.72 -6.38
C GLY B 151 -29.16 -2.07 -7.69
N SER B 152 -28.59 -3.07 -8.33
CA SER B 152 -28.99 -3.52 -9.64
C SER B 152 -29.34 -5.01 -9.55
N SER B 153 -30.38 -5.47 -10.25
CA SER B 153 -30.77 -6.88 -10.21
C SER B 153 -30.67 -7.53 -11.55
N SER B 154 -30.17 -8.77 -11.56
CA SER B 154 -29.96 -9.56 -12.79
C SER B 154 -31.24 -9.95 -13.47
N PHE B 155 -32.32 -9.93 -12.69
CA PHE B 155 -33.69 -10.29 -13.13
C PHE B 155 -34.65 -9.44 -12.32
N ALA B 156 -35.93 -9.52 -12.65
CA ALA B 156 -36.92 -8.73 -11.92
C ALA B 156 -37.41 -9.42 -10.66
N SER B 157 -37.08 -8.82 -9.54
CA SER B 157 -37.51 -9.30 -8.25
C SER B 157 -38.38 -8.17 -7.80
N ASN B 158 -38.98 -8.34 -6.63
CA ASN B 158 -39.84 -7.36 -5.98
C ASN B 158 -39.18 -7.28 -4.62
N ASN B 159 -38.14 -8.10 -4.45
CA ASN B 159 -37.38 -8.19 -3.23
C ASN B 159 -36.16 -7.31 -3.32
N ILE B 160 -36.07 -6.31 -2.45
CA ILE B 160 -34.94 -5.44 -2.53
C ILE B 160 -33.64 -6.19 -2.25
N TYR B 161 -33.73 -7.26 -1.49
CA TYR B 161 -32.54 -8.01 -1.15
C TYR B 161 -31.92 -8.61 -2.38
N ASP B 162 -32.61 -8.49 -3.51
CA ASP B 162 -32.16 -9.06 -4.79
C ASP B 162 -31.26 -8.16 -5.63
N TYR B 163 -31.27 -6.89 -5.25
CA TYR B 163 -30.53 -5.83 -5.87
C TYR B 163 -29.17 -5.69 -5.25
N THR B 164 -28.25 -6.58 -5.60
CA THR B 164 -26.96 -6.49 -4.99
C THR B 164 -25.84 -6.27 -5.94
N ASN B 165 -26.15 -6.13 -7.21
CA ASN B 165 -25.12 -5.88 -8.19
C ASN B 165 -24.63 -4.45 -8.21
N GLU B 166 -23.31 -4.29 -8.24
CA GLU B 166 -22.62 -3.00 -8.28
C GLU B 166 -23.29 -2.26 -9.43
N THR B 167 -23.62 -0.98 -9.23
CA THR B 167 -24.30 -0.25 -10.28
C THR B 167 -23.51 1.01 -10.57
N ALA B 168 -23.12 1.16 -11.84
CA ALA B 168 -22.28 2.25 -12.31
C ALA B 168 -22.99 3.49 -12.62
N ASN B 169 -22.62 4.60 -12.01
CA ASN B 169 -23.24 5.87 -12.41
C ASN B 169 -22.21 6.63 -13.27
N ASP B 170 -22.68 7.45 -14.23
CA ASP B 170 -21.81 8.28 -15.08
C ASP B 170 -22.16 9.76 -14.83
N VAL B 171 -21.16 10.65 -14.88
CA VAL B 171 -21.44 12.10 -14.77
C VAL B 171 -20.89 12.82 -15.98
N PHE B 172 -21.66 13.76 -16.51
CA PHE B 172 -21.21 14.50 -17.66
C PHE B 172 -21.20 15.90 -17.21
N ASP B 173 -20.01 16.47 -17.20
CA ASP B 173 -19.83 17.77 -16.65
C ASP B 173 -19.56 18.81 -17.70
N VAL B 174 -20.03 20.04 -17.48
CA VAL B 174 -19.78 21.16 -18.39
C VAL B 174 -19.62 22.42 -17.56
N ARG B 175 -18.46 23.06 -17.67
CA ARG B 175 -18.24 24.29 -16.92
C ARG B 175 -17.80 25.43 -17.86
N LEU B 176 -18.19 26.65 -17.48
CA LEU B 176 -17.81 27.86 -18.20
C LEU B 176 -17.27 28.77 -17.09
N ALA B 177 -15.95 28.98 -17.11
CA ALA B 177 -15.37 29.77 -16.06
C ALA B 177 -14.62 31.00 -16.47
N GLN B 178 -14.11 31.71 -15.47
CA GLN B 178 -13.33 32.92 -15.69
C GLN B 178 -14.07 34.02 -16.47
N MET B 179 -15.39 34.05 -16.41
CA MET B 179 -16.14 35.12 -17.07
C MET B 179 -16.12 36.26 -16.10
N GLU B 180 -15.71 37.46 -16.54
CA GLU B 180 -15.66 38.61 -15.62
C GLU B 180 -16.98 39.37 -15.43
N ILE B 181 -17.98 38.76 -14.77
CA ILE B 181 -19.25 39.45 -14.52
C ILE B 181 -18.94 40.88 -14.00
N ASN B 182 -17.86 41.10 -13.26
CA ASN B 182 -17.59 42.46 -12.77
C ASN B 182 -16.11 42.72 -12.42
N PRO B 183 -15.81 43.95 -11.97
CA PRO B 183 -14.44 44.26 -11.60
C PRO B 183 -14.04 43.56 -10.33
N GLY B 184 -13.06 42.67 -10.47
CA GLY B 184 -12.55 41.90 -9.34
C GLY B 184 -13.36 40.64 -9.15
N GLY B 185 -14.42 40.52 -9.95
CA GLY B 185 -15.27 39.38 -9.82
C GLY B 185 -15.34 38.54 -11.05
N THR B 186 -15.32 37.24 -10.83
CA THR B 186 -15.41 36.30 -11.92
C THR B 186 -16.64 35.47 -11.64
N LEU B 187 -17.13 34.78 -12.65
CA LEU B 187 -18.30 33.94 -12.49
C LEU B 187 -18.13 32.60 -13.22
N GLU B 188 -18.41 31.50 -12.52
CA GLU B 188 -18.33 30.16 -13.12
C GLU B 188 -19.67 29.51 -13.00
N LEU B 189 -20.07 28.84 -14.08
CA LEU B 189 -21.34 28.14 -14.13
C LEU B 189 -21.05 26.72 -14.54
N GLY B 190 -21.65 25.75 -13.86
CA GLY B 190 -21.39 24.37 -14.29
C GLY B 190 -22.69 23.60 -14.33
N VAL B 191 -22.78 22.54 -15.11
CA VAL B 191 -23.99 21.76 -15.13
C VAL B 191 -23.57 20.32 -15.14
N ASP B 192 -24.11 19.56 -14.19
CA ASP B 192 -23.81 18.13 -14.10
C ASP B 192 -25.03 17.25 -14.30
N TYR B 193 -24.89 16.24 -15.14
CA TYR B 193 -25.98 15.34 -15.36
C TYR B 193 -25.48 13.97 -15.11
N GLY B 194 -25.96 13.34 -14.04
CA GLY B 194 -25.53 11.99 -13.68
C GLY B 194 -26.64 10.98 -13.85
N ARG B 195 -26.33 9.75 -14.26
CA ARG B 195 -27.37 8.76 -14.46
C ARG B 195 -26.82 7.39 -14.09
N ALA B 196 -27.62 6.50 -13.50
CA ALA B 196 -27.12 5.15 -13.19
C ALA B 196 -27.09 4.45 -14.55
N ASN B 197 -26.01 3.79 -14.88
CA ASN B 197 -25.84 3.15 -16.17
C ASN B 197 -25.92 1.64 -16.02
N LEU B 198 -27.09 1.06 -16.32
CA LEU B 198 -27.33 -0.39 -16.15
C LEU B 198 -26.83 -1.36 -17.22
N ARG B 199 -26.36 -2.54 -16.79
CA ARG B 199 -25.88 -3.58 -17.71
C ARG B 199 -27.10 -4.05 -18.47
N ASP B 200 -26.87 -4.68 -19.60
CA ASP B 200 -28.01 -5.18 -20.36
C ASP B 200 -28.76 -6.14 -19.48
N ASN B 201 -30.07 -5.90 -19.40
CA ASN B 201 -30.99 -6.73 -18.62
C ASN B 201 -31.00 -6.54 -17.12
N TYR B 202 -30.35 -5.52 -16.60
CA TYR B 202 -30.43 -5.35 -15.17
C TYR B 202 -31.48 -4.34 -14.88
N ARG B 203 -31.97 -4.36 -13.65
CA ARG B 203 -33.05 -3.45 -13.31
C ARG B 203 -32.73 -2.82 -12.00
N LEU B 204 -33.28 -1.63 -11.80
CA LEU B 204 -33.12 -0.93 -10.55
C LEU B 204 -34.43 -1.17 -9.84
N VAL B 205 -34.44 -0.95 -8.54
CA VAL B 205 -35.62 -1.10 -7.72
C VAL B 205 -36.74 -0.22 -8.28
N ASP B 206 -37.98 -0.51 -7.93
CA ASP B 206 -39.13 0.27 -8.41
C ASP B 206 -39.04 1.62 -7.75
N GLY B 207 -39.19 2.70 -8.52
CA GLY B 207 -39.14 4.02 -7.91
C GLY B 207 -37.76 4.63 -7.75
N ALA B 208 -36.71 3.85 -8.03
CA ALA B 208 -35.30 4.28 -7.95
C ALA B 208 -35.22 5.55 -8.73
N SER B 209 -34.47 6.54 -8.22
CA SER B 209 -34.30 7.85 -8.84
C SER B 209 -33.66 7.80 -10.22
N LYS B 210 -32.69 6.90 -10.42
CA LYS B 210 -32.00 6.71 -11.70
C LYS B 210 -31.03 7.81 -12.09
N ASP B 211 -31.52 9.03 -12.32
CA ASP B 211 -30.63 10.12 -12.70
C ASP B 211 -30.86 11.42 -11.93
N GLY B 212 -30.25 12.51 -12.35
CA GLY B 212 -30.43 13.76 -11.63
C GLY B 212 -29.62 14.90 -12.19
N TRP B 213 -29.64 16.06 -11.54
CA TRP B 213 -28.86 17.22 -12.02
C TRP B 213 -28.25 17.98 -10.91
N LEU B 214 -27.06 18.52 -11.16
CA LEU B 214 -26.47 19.43 -10.18
C LEU B 214 -26.21 20.68 -10.98
N PHE B 215 -26.58 21.84 -10.44
CA PHE B 215 -26.36 23.10 -11.13
C PHE B 215 -25.59 23.98 -10.17
N THR B 216 -24.44 24.51 -10.64
CA THR B 216 -23.56 25.36 -9.83
C THR B 216 -23.25 26.75 -10.40
N ALA B 217 -23.17 27.74 -9.51
CA ALA B 217 -22.79 29.08 -9.90
C ALA B 217 -21.91 29.59 -8.79
N GLU B 218 -20.65 29.82 -9.12
CA GLU B 218 -19.75 30.31 -8.11
C GLU B 218 -19.27 31.67 -8.53
N HIS B 219 -19.20 32.61 -7.61
CA HIS B 219 -18.68 33.92 -7.96
C HIS B 219 -17.53 34.27 -7.05
N THR B 220 -16.35 34.54 -7.65
CA THR B 220 -15.21 34.90 -6.82
C THR B 220 -14.93 36.38 -6.92
N GLN B 221 -14.83 37.02 -5.78
CA GLN B 221 -14.57 38.44 -5.73
C GLN B 221 -13.29 38.64 -4.98
N SER B 222 -12.40 39.41 -5.60
CA SER B 222 -11.12 39.72 -4.99
C SER B 222 -11.35 40.77 -3.93
N VAL B 223 -10.95 40.53 -2.70
CA VAL B 223 -11.23 41.48 -1.62
C VAL B 223 -10.18 41.44 -0.52
N LEU B 224 -10.02 42.55 0.18
CA LEU B 224 -9.10 42.62 1.30
C LEU B 224 -7.88 41.75 1.20
N LYS B 225 -7.26 41.80 0.02
CA LYS B 225 -6.03 41.05 -0.24
C LYS B 225 -6.31 39.54 -0.10
N GLY B 226 -7.54 39.14 -0.41
CA GLY B 226 -7.90 37.75 -0.32
C GLY B 226 -9.04 37.56 -1.26
N PHE B 227 -10.01 36.72 -0.92
CA PHE B 227 -11.14 36.55 -1.81
C PHE B 227 -12.35 36.19 -1.04
N ASN B 228 -13.41 36.00 -1.79
CA ASN B 228 -14.66 35.61 -1.23
C ASN B 228 -15.39 34.91 -2.32
N LYS B 229 -15.88 33.69 -2.06
CA LYS B 229 -16.66 32.96 -3.04
C LYS B 229 -18.09 32.87 -2.53
N PHE B 230 -19.03 33.00 -3.45
CA PHE B 230 -20.43 32.91 -3.12
C PHE B 230 -20.99 31.88 -4.08
N VAL B 231 -21.44 30.75 -3.52
CA VAL B 231 -21.97 29.66 -4.33
C VAL B 231 -23.43 29.42 -4.08
N VAL B 232 -24.07 28.89 -5.10
CA VAL B 232 -25.46 28.56 -5.02
C VAL B 232 -25.52 27.31 -5.90
N GLN B 233 -25.95 26.19 -5.32
CA GLN B 233 -26.04 24.97 -6.08
C GLN B 233 -27.43 24.45 -5.87
N TYR B 234 -27.92 23.66 -6.82
CA TYR B 234 -29.24 23.09 -6.72
C TYR B 234 -29.19 21.74 -7.36
N ALA B 235 -29.35 20.68 -6.58
CA ALA B 235 -29.29 19.36 -7.19
C ALA B 235 -30.64 18.69 -7.15
N THR B 236 -30.73 17.65 -7.96
CA THR B 236 -31.95 16.95 -8.16
C THR B 236 -31.85 15.44 -8.15
N ASP B 237 -32.70 14.81 -7.34
CA ASP B 237 -32.77 13.36 -7.28
C ASP B 237 -31.50 12.63 -7.04
N SER B 238 -31.03 11.85 -8.03
CA SER B 238 -29.82 11.05 -7.82
C SER B 238 -28.56 11.80 -7.47
N MET B 239 -28.60 13.12 -7.56
CA MET B 239 -27.45 13.93 -7.23
C MET B 239 -27.55 14.49 -5.79
N THR B 240 -28.67 14.27 -5.07
CA THR B 240 -28.85 14.82 -3.72
C THR B 240 -28.15 14.08 -2.63
N SER B 241 -27.99 12.76 -2.75
CA SER B 241 -27.34 12.02 -1.67
C SER B 241 -25.89 12.38 -1.48
N GLN B 242 -25.04 12.20 -2.52
CA GLN B 242 -23.62 12.57 -2.44
C GLN B 242 -23.48 14.12 -2.38
N GLY B 243 -24.21 14.83 -3.27
CA GLY B 243 -24.26 16.28 -3.26
C GLY B 243 -23.05 17.14 -3.55
N LYS B 244 -22.22 16.63 -4.47
CA LYS B 244 -21.00 17.29 -4.88
C LYS B 244 -20.82 17.03 -6.34
N GLY B 245 -21.75 16.36 -7.00
CA GLY B 245 -21.55 16.14 -8.43
C GLY B 245 -21.55 14.68 -8.80
N LEU B 246 -21.58 13.81 -7.78
CA LEU B 246 -21.62 12.36 -8.07
C LEU B 246 -23.03 11.75 -7.96
N SER B 247 -23.34 10.82 -8.87
CA SER B 247 -24.65 10.18 -8.87
C SER B 247 -24.82 8.84 -8.17
N GLN B 248 -26.02 8.68 -7.59
CA GLN B 248 -26.40 7.45 -6.89
C GLN B 248 -27.85 7.18 -7.31
N GLY B 249 -28.00 6.71 -8.55
CA GLY B 249 -29.32 6.50 -9.10
C GLY B 249 -30.04 5.26 -8.63
N SER B 250 -29.37 4.36 -7.93
CA SER B 250 -30.03 3.13 -7.50
C SER B 250 -30.88 3.22 -6.21
N GLY B 251 -30.46 3.99 -5.24
CA GLY B 251 -31.28 4.12 -4.03
C GLY B 251 -31.25 3.03 -2.97
N VAL B 252 -30.40 2.03 -3.18
CA VAL B 252 -30.23 0.91 -2.27
C VAL B 252 -28.93 1.05 -1.48
N ALA B 253 -29.00 0.78 -0.19
CA ALA B 253 -27.84 0.84 0.67
C ALA B 253 -27.74 -0.53 1.32
N PHE B 254 -26.64 -0.86 1.98
CA PHE B 254 -26.55 -2.16 2.60
C PHE B 254 -26.10 -2.04 4.00
N ASP B 255 -26.72 -2.79 4.91
CA ASP B 255 -26.29 -2.72 6.31
C ASP B 255 -25.02 -3.51 6.48
N ASN B 256 -24.50 -3.60 7.70
CA ASN B 256 -23.27 -4.35 7.89
C ASN B 256 -23.44 -5.85 7.74
N GLU B 257 -24.71 -6.32 7.74
CA GLU B 257 -24.99 -7.74 7.60
C GLU B 257 -25.33 -8.06 6.15
N LYS B 258 -24.88 -7.21 5.22
CA LYS B 258 -25.13 -7.36 3.79
C LYS B 258 -26.62 -7.24 3.38
N PHE B 259 -27.44 -6.58 4.18
CA PHE B 259 -28.86 -6.43 3.85
C PHE B 259 -29.16 -5.18 3.07
N ALA B 260 -29.83 -5.34 1.95
CA ALA B 260 -30.18 -4.18 1.15
C ALA B 260 -31.25 -3.43 1.90
N TYR B 261 -31.26 -2.11 1.70
CA TYR B 261 -32.27 -1.23 2.27
C TYR B 261 -32.45 0.00 1.41
N ASN B 262 -33.69 0.38 1.25
CA ASN B 262 -34.02 1.46 0.37
C ASN B 262 -33.82 2.86 0.88
N ILE B 263 -32.82 3.52 0.32
CA ILE B 263 -32.54 4.89 0.70
C ILE B 263 -32.80 5.88 -0.44
N ASN B 264 -33.98 5.83 -1.07
CA ASN B 264 -34.34 6.69 -2.21
C ASN B 264 -33.99 8.13 -1.95
N ASN B 265 -33.45 8.75 -3.00
CA ASN B 265 -33.03 10.13 -2.96
C ASN B 265 -33.82 11.07 -3.85
N ASN B 266 -35.00 10.67 -4.31
CA ASN B 266 -35.81 11.57 -5.13
C ASN B 266 -36.09 12.69 -4.20
N GLY B 267 -35.93 13.88 -4.74
CA GLY B 267 -36.10 15.09 -3.97
C GLY B 267 -35.20 16.15 -4.55
N HIS B 268 -34.64 17.04 -3.72
CA HIS B 268 -33.74 18.04 -4.23
C HIS B 268 -32.90 18.57 -3.10
N MET B 269 -31.84 19.29 -3.47
CA MET B 269 -30.99 19.95 -2.48
C MET B 269 -30.78 21.36 -2.95
N LEU B 270 -30.71 22.31 -2.02
CA LEU B 270 -30.46 23.71 -2.33
C LEU B 270 -29.37 24.09 -1.37
N ARG B 271 -28.24 24.53 -1.89
CA ARG B 271 -27.08 24.88 -1.06
C ARG B 271 -26.69 26.29 -1.40
N ILE B 272 -26.57 27.13 -0.40
CA ILE B 272 -26.17 28.51 -0.63
C ILE B 272 -24.99 28.71 0.30
N LEU B 273 -23.83 28.94 -0.30
CA LEU B 273 -22.56 29.03 0.44
C LEU B 273 -21.80 30.30 0.20
N ASP B 274 -21.17 30.78 1.26
CA ASP B 274 -20.30 31.90 1.11
C ASP B 274 -19.12 31.70 2.05
N HIS B 275 -17.93 31.76 1.46
CA HIS B 275 -16.72 31.58 2.24
C HIS B 275 -15.58 32.37 1.66
N GLY B 276 -14.55 32.62 2.47
CA GLY B 276 -13.42 33.33 1.95
C GLY B 276 -12.35 33.49 3.00
N ALA B 277 -11.28 34.19 2.60
CA ALA B 277 -10.16 34.52 3.48
C ALA B 277 -9.83 35.98 3.11
N ILE B 278 -9.70 36.80 4.15
CA ILE B 278 -9.39 38.20 3.95
C ILE B 278 -8.37 38.59 4.97
N SER B 279 -7.40 39.38 4.53
CA SER B 279 -6.36 39.88 5.43
C SER B 279 -6.83 41.29 5.77
N MET B 280 -6.47 41.76 6.95
CA MET B 280 -6.82 43.11 7.39
C MET B 280 -5.60 43.65 8.13
N GLY B 281 -4.78 44.44 7.46
CA GLY B 281 -3.60 44.94 8.12
C GLY B 281 -2.44 44.01 7.88
N ASP B 282 -1.50 44.00 8.80
CA ASP B 282 -0.36 43.13 8.62
C ASP B 282 -0.39 42.04 9.67
N ASN B 283 -1.32 42.14 10.63
CA ASN B 283 -1.42 41.14 11.71
C ASN B 283 -2.62 40.28 11.74
N TRP B 284 -3.54 40.50 10.83
CA TRP B 284 -4.73 39.69 10.87
C TRP B 284 -5.12 39.14 9.56
N ASP B 285 -5.40 37.84 9.62
CA ASP B 285 -5.87 37.04 8.50
C ASP B 285 -7.09 36.40 9.14
N MET B 286 -8.10 36.13 8.32
CA MET B 286 -9.28 35.48 8.84
C MET B 286 -9.97 34.70 7.77
N MET B 287 -10.18 33.42 8.04
CA MET B 287 -10.87 32.53 7.12
C MET B 287 -12.31 32.53 7.68
N TYR B 288 -13.35 32.40 6.85
CA TYR B 288 -14.73 32.38 7.37
C TYR B 288 -15.75 31.60 6.50
N VAL B 289 -16.75 30.91 7.10
CA VAL B 289 -17.79 30.19 6.31
C VAL B 289 -19.17 30.53 6.83
N GLY B 290 -20.12 30.32 5.94
CA GLY B 290 -21.51 30.50 6.26
C GLY B 290 -22.26 29.62 5.28
N MET B 291 -23.01 28.62 5.75
CA MET B 291 -23.75 27.79 4.76
C MET B 291 -25.13 27.43 5.20
N TYR B 292 -26.00 27.21 4.21
CA TYR B 292 -27.32 26.74 4.50
C TYR B 292 -27.63 25.71 3.45
N GLN B 293 -27.76 24.47 3.90
CA GLN B 293 -28.03 23.36 2.96
C GLN B 293 -29.31 22.65 3.37
N ASP B 294 -30.20 22.44 2.40
CA ASP B 294 -31.48 21.81 2.64
C ASP B 294 -31.70 20.68 1.66
N ILE B 295 -31.67 19.44 2.17
CA ILE B 295 -31.95 18.25 1.37
C ILE B 295 -33.36 17.87 1.77
N ASN B 296 -34.22 17.92 0.78
CA ASN B 296 -35.62 17.68 0.96
C ASN B 296 -35.91 16.42 0.23
N TRP B 297 -36.16 15.34 0.97
CA TRP B 297 -36.44 14.11 0.28
C TRP B 297 -37.88 13.75 0.20
N ASP B 298 -38.23 13.04 -0.85
CA ASP B 298 -39.60 12.61 -1.02
C ASP B 298 -39.95 11.69 0.10
N ASN B 299 -38.97 10.98 0.63
CA ASN B 299 -39.26 10.08 1.71
C ASN B 299 -39.19 10.73 3.07
N ASP B 300 -39.17 12.05 3.13
CA ASP B 300 -39.13 12.73 4.41
C ASP B 300 -37.90 12.49 5.27
N ASN B 301 -36.84 11.87 4.76
CA ASN B 301 -35.71 11.73 5.64
C ASN B 301 -34.55 12.69 5.41
N GLY B 302 -34.83 13.85 4.83
CA GLY B 302 -33.82 14.84 4.58
C GLY B 302 -33.36 15.51 5.85
N THR B 303 -32.63 16.62 5.69
CA THR B 303 -32.10 17.43 6.79
C THR B 303 -31.95 18.88 6.30
N LYS B 304 -31.95 19.86 7.20
CA LYS B 304 -31.78 21.30 6.87
C LYS B 304 -30.63 21.74 7.78
N TRP B 305 -29.46 21.99 7.17
CA TRP B 305 -28.23 22.33 7.89
C TRP B 305 -27.81 23.78 7.70
N TRP B 306 -27.29 24.37 8.79
CA TRP B 306 -26.76 25.75 8.84
C TRP B 306 -25.40 25.75 9.51
N THR B 307 -24.36 26.34 8.93
CA THR B 307 -23.09 26.42 9.67
C THR B 307 -22.58 27.83 9.59
N VAL B 308 -21.65 28.17 10.47
CA VAL B 308 -21.00 29.45 10.47
C VAL B 308 -19.82 29.30 11.32
N GLY B 309 -18.71 29.84 10.85
CA GLY B 309 -17.50 29.78 11.65
C GLY B 309 -16.53 30.81 11.14
N ILE B 310 -15.52 31.10 11.95
CA ILE B 310 -14.50 32.04 11.55
C ILE B 310 -13.22 31.56 12.16
N ARG B 311 -12.14 31.77 11.42
CA ARG B 311 -10.79 31.38 11.86
C ARG B 311 -9.95 32.61 11.69
N PRO B 312 -9.87 33.41 12.74
CA PRO B 312 -9.05 34.60 12.62
C PRO B 312 -7.65 34.26 13.11
N MET B 313 -6.65 34.64 12.33
CA MET B 313 -5.26 34.38 12.70
C MET B 313 -4.65 35.72 13.07
N TYR B 314 -3.92 35.78 14.17
CA TYR B 314 -3.27 37.03 14.53
C TYR B 314 -1.79 36.76 14.55
N LYS B 315 -1.03 37.48 13.74
CA LYS B 315 0.43 37.24 13.63
C LYS B 315 1.42 37.98 14.50
N TRP B 316 2.00 37.27 15.45
CA TRP B 316 2.96 37.87 16.35
C TRP B 316 4.27 38.08 15.67
N THR B 317 4.50 37.28 14.64
CA THR B 317 5.76 37.21 13.94
C THR B 317 5.55 36.66 12.57
N PRO B 318 6.50 36.95 11.69
CA PRO B 318 6.34 36.42 10.36
C PRO B 318 6.21 34.89 10.38
N ILE B 319 6.71 34.23 11.42
CA ILE B 319 6.53 32.79 11.48
C ILE B 319 5.76 32.25 12.70
N MET B 320 5.32 33.09 13.64
CA MET B 320 4.56 32.60 14.80
C MET B 320 3.25 33.31 14.95
N SER B 321 2.17 32.56 15.14
CA SER B 321 0.86 33.20 15.31
C SER B 321 0.03 32.51 16.33
N THR B 322 -1.17 33.01 16.46
CA THR B 322 -2.12 32.45 17.37
C THR B 322 -3.35 32.38 16.54
N VAL B 323 -3.80 31.17 16.25
CA VAL B 323 -5.00 30.99 15.44
C VAL B 323 -6.12 30.58 16.38
N MET B 324 -7.34 30.96 16.06
CA MET B 324 -8.48 30.57 16.86
C MET B 324 -9.64 30.25 15.91
N GLU B 325 -10.41 29.21 16.21
CA GLU B 325 -11.57 28.85 15.37
C GLU B 325 -12.84 28.73 16.18
N ILE B 326 -13.95 29.17 15.62
CA ILE B 326 -15.22 29.11 16.30
C ILE B 326 -16.24 28.71 15.29
N GLY B 327 -16.83 27.54 15.51
CA GLY B 327 -17.82 27.05 14.55
C GLY B 327 -19.15 26.64 15.17
N TYR B 328 -20.22 26.76 14.38
CA TYR B 328 -21.52 26.42 14.87
C TYR B 328 -22.34 25.66 13.88
N ASP B 329 -22.93 24.55 14.32
CA ASP B 329 -23.82 23.80 13.45
C ASP B 329 -25.18 23.62 14.05
N ASN B 330 -26.14 23.41 13.17
CA ASN B 330 -27.46 23.16 13.61
C ASN B 330 -28.15 22.40 12.49
N VAL B 331 -28.53 21.14 12.75
CA VAL B 331 -29.21 20.34 11.74
C VAL B 331 -30.62 19.95 12.19
N GLU B 332 -31.62 20.19 11.37
CA GLU B 332 -32.98 19.84 11.74
C GLU B 332 -33.43 18.61 10.98
N SER B 333 -33.96 17.60 11.66
CA SER B 333 -34.41 16.43 10.92
C SER B 333 -35.61 16.70 10.04
N GLN B 334 -35.56 16.33 8.77
CA GLN B 334 -36.74 16.56 7.92
C GLN B 334 -37.87 15.68 8.46
N ARG B 335 -37.57 14.42 8.77
CA ARG B 335 -38.59 13.52 9.29
C ARG B 335 -39.21 13.98 10.62
N THR B 336 -38.42 14.19 11.65
CA THR B 336 -39.01 14.54 12.92
C THR B 336 -39.08 16.00 13.30
N GLY B 337 -38.43 16.89 12.58
CA GLY B 337 -38.46 18.28 12.97
C GLY B 337 -37.57 18.64 14.17
N ASP B 338 -36.88 17.67 14.75
CA ASP B 338 -36.01 17.94 15.89
C ASP B 338 -34.73 18.61 15.41
N LYS B 339 -33.92 19.08 16.36
CA LYS B 339 -32.68 19.76 16.04
C LYS B 339 -31.49 19.42 16.88
N ASN B 340 -30.42 19.08 16.18
CA ASN B 340 -29.11 18.79 16.77
C ASN B 340 -28.28 20.06 16.53
N ASN B 341 -27.51 20.51 17.51
CA ASN B 341 -26.62 21.66 17.27
C ASN B 341 -25.37 21.60 18.12
N GLN B 342 -24.33 22.29 17.67
CA GLN B 342 -23.06 22.29 18.40
C GLN B 342 -22.29 23.56 18.17
N TYR B 343 -21.45 23.89 19.12
CA TYR B 343 -20.55 25.02 18.97
C TYR B 343 -19.15 24.58 19.44
N LYS B 344 -18.17 24.83 18.57
CA LYS B 344 -16.79 24.46 18.85
C LYS B 344 -15.96 25.71 18.94
N ILE B 345 -14.98 25.73 19.82
CA ILE B 345 -14.11 26.87 19.95
C ILE B 345 -12.71 26.35 20.10
N THR B 346 -11.81 26.59 19.15
CA THR B 346 -10.44 26.09 19.32
C THR B 346 -9.50 27.28 19.45
N LEU B 347 -8.45 27.13 20.23
CA LEU B 347 -7.48 28.19 20.42
C LEU B 347 -6.16 27.51 20.20
N ALA B 348 -5.41 27.91 19.17
CA ALA B 348 -4.12 27.29 18.82
C ALA B 348 -2.92 28.25 18.72
N GLN B 349 -1.73 27.75 18.98
CA GLN B 349 -0.52 28.57 18.84
C GLN B 349 0.25 27.87 17.74
N GLN B 350 0.42 28.50 16.58
CA GLN B 350 1.15 27.79 15.53
C GLN B 350 2.42 28.46 15.07
N TRP B 351 3.26 27.68 14.40
CA TRP B 351 4.51 28.13 13.79
C TRP B 351 4.31 27.67 12.37
N GLN B 352 4.41 28.55 11.39
CA GLN B 352 4.26 28.08 10.03
C GLN B 352 5.25 28.69 9.11
N ALA B 353 5.53 28.02 8.02
CA ALA B 353 6.47 28.50 7.05
C ALA B 353 5.78 29.50 6.18
N GLY B 354 5.57 30.71 6.68
CA GLY B 354 4.89 31.72 5.90
C GLY B 354 4.11 32.70 6.75
N ASP B 355 3.68 33.83 6.21
CA ASP B 355 2.95 34.81 7.01
C ASP B 355 1.48 34.74 6.65
N SER B 356 1.06 33.65 6.02
CA SER B 356 -0.34 33.60 5.67
C SER B 356 -1.12 32.63 6.47
N ILE B 357 -2.44 32.81 6.43
CA ILE B 357 -3.36 31.90 7.08
C ILE B 357 -3.47 30.71 6.12
N TRP B 358 -2.76 30.78 5.00
CA TRP B 358 -2.76 29.69 4.04
C TRP B 358 -1.40 29.04 3.98
N SER B 359 -0.46 29.53 4.78
CA SER B 359 0.91 29.02 4.72
C SER B 359 1.05 27.69 5.37
N ARG B 360 1.66 26.72 4.69
CA ARG B 360 1.91 25.37 5.24
C ARG B 360 3.39 25.05 4.98
N PRO B 361 4.06 24.26 5.85
CA PRO B 361 3.61 23.51 7.00
C PRO B 361 3.28 24.37 8.18
N ALA B 362 2.47 23.86 9.08
CA ALA B 362 2.11 24.59 10.28
C ALA B 362 2.28 23.58 11.38
N ILE B 363 2.80 24.00 12.52
CA ILE B 363 2.91 23.08 13.61
C ILE B 363 2.07 23.73 14.69
N ARG B 364 1.00 23.07 15.12
CA ARG B 364 0.10 23.63 16.12
C ARG B 364 0.09 22.98 17.47
N VAL B 365 -0.28 23.77 18.47
CA VAL B 365 -0.42 23.24 19.82
C VAL B 365 -1.75 23.86 20.11
N PHE B 366 -2.80 23.07 20.38
CA PHE B 366 -4.14 23.65 20.51
C PHE B 366 -4.95 23.09 21.65
N ALA B 367 -6.10 23.71 21.90
CA ALA B 367 -7.05 23.24 22.91
C ALA B 367 -8.40 23.47 22.29
N THR B 368 -9.26 22.45 22.32
CA THR B 368 -10.60 22.55 21.75
C THR B 368 -11.72 22.30 22.76
N TYR B 369 -12.85 23.00 22.61
CA TYR B 369 -13.99 22.81 23.51
C TYR B 369 -15.25 22.73 22.69
N ALA B 370 -16.00 21.64 22.86
CA ALA B 370 -17.23 21.52 22.09
C ALA B 370 -18.35 21.24 23.03
N LYS B 371 -19.47 21.87 22.77
CA LYS B 371 -20.62 21.62 23.61
C LYS B 371 -21.81 21.36 22.69
N TRP B 372 -22.39 20.16 22.75
CA TRP B 372 -23.55 19.84 21.89
C TRP B 372 -24.80 19.50 22.65
N ASP B 373 -25.89 19.46 21.91
CA ASP B 373 -27.17 19.12 22.48
C ASP B 373 -27.96 18.67 21.30
N GLU B 374 -27.92 17.36 21.09
CA GLU B 374 -28.60 16.76 19.96
C GLU B 374 -29.89 16.09 20.42
N LYS B 375 -30.98 16.39 19.70
CA LYS B 375 -32.30 15.84 20.00
C LYS B 375 -32.84 14.78 18.98
N TRP B 376 -31.95 14.23 18.17
CA TRP B 376 -32.32 13.19 17.22
C TRP B 376 -31.10 12.44 16.69
N GLY B 377 -31.31 11.29 16.08
CA GLY B 377 -30.18 10.55 15.58
C GLY B 377 -30.68 9.55 14.58
N TYR B 378 -29.81 8.77 13.97
CA TYR B 378 -30.31 7.81 13.03
C TYR B 378 -30.41 6.44 13.69
N ASP B 379 -31.43 5.69 13.33
CA ASP B 379 -31.56 4.40 13.92
C ASP B 379 -30.78 3.41 13.13
N TYR B 380 -29.70 2.96 13.73
CA TYR B 380 -28.87 1.98 13.08
C TYR B 380 -28.78 0.72 13.97
N THR B 381 -29.74 0.59 14.89
CA THR B 381 -29.80 -0.56 15.77
C THR B 381 -30.40 -1.69 14.98
N GLY B 382 -30.12 -2.91 15.39
CA GLY B 382 -30.67 -4.03 14.68
C GLY B 382 -29.99 -4.17 13.35
N ASN B 383 -30.74 -4.62 12.35
CA ASN B 383 -30.18 -4.84 11.03
C ASN B 383 -31.28 -4.42 10.06
N ALA B 384 -30.91 -4.16 8.81
CA ALA B 384 -31.88 -3.77 7.83
C ALA B 384 -33.06 -4.73 7.79
N ASP B 385 -32.87 -5.99 8.25
CA ASP B 385 -33.93 -7.02 8.31
C ASP B 385 -34.70 -6.95 9.65
N ASN B 386 -34.01 -6.93 10.81
CA ASN B 386 -34.66 -6.80 12.15
C ASN B 386 -35.46 -5.51 12.19
N ASN B 387 -34.77 -4.45 11.79
CA ASN B 387 -35.28 -3.10 11.82
C ASN B 387 -35.96 -2.53 10.61
N ALA B 388 -37.10 -1.93 10.84
CA ALA B 388 -37.84 -1.33 9.75
C ALA B 388 -37.55 0.15 9.67
N ASN B 389 -37.07 0.72 10.78
CA ASN B 389 -36.70 2.13 10.87
C ASN B 389 -35.21 2.30 10.65
N PHE B 390 -34.56 1.25 10.15
CA PHE B 390 -33.14 1.27 9.98
C PHE B 390 -32.73 2.40 9.08
N GLY B 391 -31.87 3.26 9.60
CA GLY B 391 -31.39 4.40 8.86
C GLY B 391 -32.25 5.65 8.90
N LYS B 392 -33.38 5.62 9.60
CA LYS B 392 -34.27 6.78 9.66
C LYS B 392 -33.89 7.65 10.80
N ALA B 393 -34.19 8.93 10.65
CA ALA B 393 -33.94 9.89 11.72
C ALA B 393 -34.93 9.48 12.82
N VAL B 394 -34.61 9.71 14.08
CA VAL B 394 -35.49 9.24 15.16
C VAL B 394 -35.11 10.07 16.36
N PRO B 395 -36.06 10.45 17.19
CA PRO B 395 -35.73 11.26 18.35
C PRO B 395 -34.80 10.64 19.33
N ALA B 396 -34.09 11.51 20.00
CA ALA B 396 -33.11 11.08 20.95
C ALA B 396 -33.53 9.92 21.81
N ASP B 397 -34.72 9.99 22.36
CA ASP B 397 -35.21 8.95 23.26
C ASP B 397 -36.12 7.91 22.60
N PHE B 398 -36.18 7.89 21.29
CA PHE B 398 -37.04 6.95 20.63
C PHE B 398 -37.03 5.57 21.23
N ASN B 399 -38.23 5.02 21.42
CA ASN B 399 -38.48 3.68 22.02
C ASN B 399 -37.56 3.34 23.20
N GLY B 400 -37.39 4.29 24.10
CA GLY B 400 -36.57 4.05 25.27
C GLY B 400 -35.08 4.04 25.03
N GLY B 401 -34.62 3.67 23.82
CA GLY B 401 -33.19 3.65 23.58
C GLY B 401 -32.69 5.07 23.47
N SER B 402 -31.58 5.28 22.79
CA SER B 402 -31.12 6.64 22.64
C SER B 402 -30.38 6.85 21.34
N PHE B 403 -30.59 8.02 20.78
CA PHE B 403 -30.04 8.37 19.50
C PHE B 403 -29.41 9.77 19.49
N GLY B 404 -28.23 9.82 18.89
CA GLY B 404 -27.53 11.08 18.86
C GLY B 404 -26.54 11.18 19.97
N ARG B 405 -25.73 12.24 19.94
CA ARG B 405 -24.68 12.39 20.91
C ARG B 405 -25.11 12.90 22.25
N GLY B 406 -26.37 13.24 22.41
CA GLY B 406 -26.76 13.73 23.73
C GLY B 406 -26.64 15.22 23.95
N ASP B 407 -26.51 15.61 25.21
CA ASP B 407 -26.42 17.01 25.54
C ASP B 407 -25.21 17.06 26.40
N SER B 408 -24.10 17.50 25.83
CA SER B 408 -22.88 17.47 26.58
C SER B 408 -21.76 18.45 26.25
N ASP B 409 -20.58 18.02 26.68
CA ASP B 409 -19.34 18.75 26.63
C ASP B 409 -18.17 17.87 26.51
N GLU B 410 -17.05 18.52 26.19
CA GLU B 410 -15.75 17.88 26.19
C GLU B 410 -14.76 18.87 25.69
N TRP B 411 -13.52 18.67 26.10
CA TRP B 411 -12.44 19.51 25.67
C TRP B 411 -11.24 18.61 25.37
N THR B 412 -10.50 18.94 24.32
CA THR B 412 -9.32 18.19 23.97
C THR B 412 -8.17 19.10 23.78
N PHE B 413 -7.03 18.53 23.48
CA PHE B 413 -5.82 19.30 23.24
C PHE B 413 -4.70 18.44 22.71
N GLY B 414 -3.74 19.08 22.05
CA GLY B 414 -2.62 18.33 21.51
C GLY B 414 -1.73 19.15 20.62
N ALA B 415 -0.98 18.48 19.76
CA ALA B 415 -0.06 19.13 18.88
C ALA B 415 -0.29 18.47 17.56
N GLN B 416 -0.12 19.16 16.45
CA GLN B 416 -0.35 18.54 15.14
C GLN B 416 0.38 19.32 14.07
N MET B 417 0.81 18.67 13.00
CA MET B 417 1.43 19.38 11.92
C MET B 417 0.47 19.19 10.78
N GLU B 418 0.39 20.14 9.85
CA GLU B 418 -0.44 20.00 8.65
C GLU B 418 0.35 20.61 7.52
N ILE B 419 0.23 20.07 6.31
CA ILE B 419 1.03 20.61 5.25
C ILE B 419 0.61 20.17 3.90
N TRP B 420 0.64 21.09 2.94
CA TRP B 420 0.44 20.70 1.56
C TRP B 420 1.71 21.14 0.85
N TRP B 421 2.11 20.42 -0.19
CA TRP B 421 3.33 20.77 -0.86
C TRP B 421 3.29 20.41 -2.31
N VAL C 1 16.77 10.70 -7.14
CA VAL C 1 16.00 9.44 -7.21
C VAL C 1 15.59 9.25 -8.66
N ASP C 2 15.56 8.02 -9.13
CA ASP C 2 15.17 7.76 -10.51
C ASP C 2 13.73 7.32 -10.44
N PHE C 3 12.87 7.92 -11.23
CA PHE C 3 11.48 7.56 -11.16
C PHE C 3 11.01 6.96 -12.45
N HIS C 4 10.68 5.67 -12.42
CA HIS C 4 10.18 5.03 -13.63
C HIS C 4 8.97 4.21 -13.35
N GLY C 5 8.37 3.69 -14.43
CA GLY C 5 7.20 2.85 -14.28
C GLY C 5 6.36 2.51 -15.50
N TYR C 6 5.12 2.17 -15.21
CA TYR C 6 4.15 1.85 -16.25
C TYR C 6 2.81 2.17 -15.64
N ALA C 7 1.84 2.55 -16.45
CA ALA C 7 0.53 2.82 -15.90
C ALA C 7 -0.42 2.89 -17.06
N ARG C 8 -1.68 2.60 -16.80
CA ARG C 8 -2.72 2.69 -17.81
C ARG C 8 -3.93 2.97 -16.96
N SER C 9 -4.78 3.85 -17.42
CA SER C 9 -5.99 4.20 -16.69
C SER C 9 -6.98 4.79 -17.67
N GLY C 10 -8.26 4.67 -17.42
CA GLY C 10 -9.19 5.23 -18.40
C GLY C 10 -10.62 5.10 -17.95
N ILE C 11 -11.56 5.45 -18.84
CA ILE C 11 -13.01 5.36 -18.62
C ILE C 11 -13.58 4.69 -19.87
N GLY C 12 -14.64 3.92 -19.72
CA GLY C 12 -15.22 3.24 -20.86
C GLY C 12 -16.68 2.83 -20.67
N TRP C 13 -17.26 2.34 -21.75
CA TRP C 13 -18.65 1.96 -21.75
C TRP C 13 -18.92 0.76 -22.63
N THR C 14 -19.85 -0.09 -22.22
CA THR C 14 -20.24 -1.25 -23.04
C THR C 14 -21.49 -0.85 -23.82
N GLY C 15 -21.48 -1.14 -25.11
CA GLY C 15 -22.59 -0.80 -25.99
C GLY C 15 -23.94 -1.20 -25.44
N SER C 16 -24.09 -2.48 -25.07
CA SER C 16 -25.34 -3.01 -24.49
C SER C 16 -25.76 -2.32 -23.20
N GLY C 17 -24.81 -1.74 -22.47
CA GLY C 17 -25.12 -1.09 -21.21
C GLY C 17 -24.06 -1.31 -20.16
N GLY C 18 -23.92 -0.29 -19.31
CA GLY C 18 -22.98 -0.32 -18.22
C GLY C 18 -21.52 -0.10 -18.55
N GLU C 19 -20.72 -0.17 -17.52
CA GLU C 19 -19.28 -0.02 -17.63
C GLU C 19 -18.71 -0.89 -18.72
N GLN C 20 -17.55 -0.48 -19.18
CA GLN C 20 -16.90 -1.18 -20.24
C GLN C 20 -16.48 -2.56 -19.81
N GLN C 21 -16.56 -3.50 -20.76
CA GLN C 21 -16.20 -4.87 -20.57
C GLN C 21 -15.06 -5.26 -21.46
N CYS C 22 -14.38 -6.33 -21.09
CA CYS C 22 -13.24 -6.78 -21.87
C CYS C 22 -13.40 -8.20 -22.43
N PHE C 23 -12.84 -8.46 -23.61
CA PHE C 23 -13.05 -9.73 -24.22
C PHE C 23 -11.88 -10.63 -24.40
N GLN C 24 -11.84 -11.73 -23.66
CA GLN C 24 -10.78 -12.74 -23.80
C GLN C 24 -11.34 -14.15 -24.12
N THR C 25 -10.80 -14.84 -25.11
CA THR C 25 -11.30 -16.16 -25.42
C THR C 25 -11.03 -17.19 -24.33
N THR C 26 -12.04 -18.00 -23.94
CA THR C 26 -11.88 -19.05 -22.91
C THR C 26 -10.82 -20.04 -23.38
N GLY C 27 -9.76 -20.21 -22.59
CA GLY C 27 -8.69 -21.09 -23.02
C GLY C 27 -7.47 -20.34 -23.56
N ALA C 28 -7.68 -19.09 -23.98
CA ALA C 28 -6.55 -18.32 -24.46
C ALA C 28 -5.87 -17.73 -23.24
N GLN C 29 -4.56 -17.57 -23.25
CA GLN C 29 -3.88 -16.98 -22.11
C GLN C 29 -3.66 -15.46 -22.31
N SER C 30 -4.37 -14.85 -23.25
CA SER C 30 -4.20 -13.44 -23.54
C SER C 30 -5.40 -12.82 -24.25
N LYS C 31 -5.39 -11.49 -24.38
CA LYS C 31 -6.43 -10.75 -25.11
C LYS C 31 -5.68 -9.65 -25.90
N TYR C 32 -6.21 -9.21 -27.04
CA TYR C 32 -5.56 -8.15 -27.79
C TYR C 32 -5.94 -6.92 -26.99
N ARG C 33 -4.95 -6.26 -26.40
CA ARG C 33 -5.23 -5.12 -25.54
C ARG C 33 -5.84 -3.81 -26.02
N LEU C 34 -5.52 -3.37 -27.23
CA LEU C 34 -6.03 -2.06 -27.65
C LEU C 34 -7.52 -1.96 -27.50
N GLY C 35 -7.95 -1.07 -26.61
CA GLY C 35 -9.38 -0.86 -26.41
C GLY C 35 -10.05 -2.06 -25.77
N ASN C 36 -9.30 -2.78 -24.97
CA ASN C 36 -9.79 -4.00 -24.34
C ASN C 36 -9.10 -4.27 -22.99
N GLU C 37 -8.86 -3.20 -22.22
CA GLU C 37 -8.21 -3.30 -20.91
C GLU C 37 -9.16 -2.68 -19.93
N CYS C 38 -9.51 -3.41 -18.89
CA CYS C 38 -10.50 -2.95 -17.93
C CYS C 38 -10.07 -2.62 -16.48
N GLU C 39 -8.86 -2.08 -16.25
CA GLU C 39 -8.38 -1.70 -14.90
C GLU C 39 -7.33 -0.60 -14.97
N THR C 40 -7.08 0.04 -13.83
CA THR C 40 -6.03 1.02 -13.75
C THR C 40 -4.95 0.13 -13.20
N TYR C 41 -3.82 0.08 -13.85
CA TYR C 41 -2.72 -0.75 -13.39
C TYR C 41 -1.52 0.19 -13.38
N ALA C 42 -0.66 0.11 -12.36
CA ALA C 42 0.50 1.00 -12.33
C ALA C 42 1.63 0.44 -11.52
N GLU C 43 2.86 0.59 -12.02
CA GLU C 43 4.05 0.16 -11.27
C GLU C 43 4.83 1.43 -11.02
N LEU C 44 5.17 1.71 -9.77
CA LEU C 44 5.92 2.91 -9.48
C LEU C 44 7.31 2.53 -9.02
N LYS C 45 8.30 2.75 -9.88
CA LYS C 45 9.69 2.47 -9.57
C LYS C 45 10.45 3.70 -9.12
N LEU C 46 11.23 3.54 -8.06
CA LEU C 46 12.05 4.59 -7.51
C LEU C 46 13.37 3.86 -7.30
N GLY C 47 14.39 4.23 -8.06
CA GLY C 47 15.68 3.57 -7.91
C GLY C 47 16.77 4.61 -7.79
N GLN C 48 18.02 4.17 -7.74
CA GLN C 48 19.10 5.12 -7.58
C GLN C 48 20.46 4.50 -7.60
N GLU C 49 21.39 5.11 -8.35
CA GLU C 49 22.76 4.59 -8.42
C GLU C 49 23.33 5.04 -7.11
N VAL C 50 23.58 4.12 -6.19
CA VAL C 50 24.03 4.58 -4.91
C VAL C 50 25.53 4.66 -4.73
N TRP C 51 26.32 4.20 -5.71
CA TRP C 51 27.75 4.27 -5.51
C TRP C 51 28.43 4.03 -6.80
N LYS C 52 29.32 4.95 -7.20
CA LYS C 52 30.08 4.76 -8.43
C LYS C 52 31.51 5.11 -8.19
N GLU C 53 32.42 4.36 -8.76
CA GLU C 53 33.84 4.67 -8.65
C GLU C 53 34.43 4.20 -9.93
N GLY C 54 34.45 5.11 -10.88
CA GLY C 54 35.01 4.71 -12.12
C GLY C 54 34.01 3.89 -12.83
N ASP C 55 34.40 2.66 -13.15
CA ASP C 55 33.57 1.71 -13.89
C ASP C 55 32.55 1.03 -12.97
N LYS C 56 32.88 0.97 -11.69
CA LYS C 56 32.07 0.35 -10.70
C LYS C 56 30.92 1.15 -10.16
N SER C 57 29.77 0.51 -10.01
CA SER C 57 28.59 1.14 -9.43
C SER C 57 27.74 0.08 -8.77
N PHE C 58 26.81 0.54 -7.94
CA PHE C 58 25.82 -0.27 -7.27
C PHE C 58 24.55 0.51 -7.51
N TYR C 59 23.60 -0.13 -8.19
CA TYR C 59 22.29 0.46 -8.43
C TYR C 59 21.23 -0.21 -7.57
N PHE C 60 20.35 0.55 -6.92
CA PHE C 60 19.25 0.03 -6.09
C PHE C 60 17.99 0.37 -6.86
N ASP C 61 17.08 -0.59 -7.03
CA ASP C 61 15.81 -0.40 -7.81
C ASP C 61 14.62 -1.06 -7.10
N THR C 62 13.44 -0.48 -7.17
CA THR C 62 12.29 -1.05 -6.47
C THR C 62 11.05 -1.00 -7.32
N ASN C 63 9.97 -1.68 -6.94
CA ASN C 63 8.75 -1.59 -7.77
C ASN C 63 7.51 -1.83 -6.94
N VAL C 64 6.53 -0.94 -6.97
CA VAL C 64 5.34 -1.17 -6.18
C VAL C 64 4.19 -1.06 -7.14
N ALA C 65 3.49 -2.18 -7.38
CA ALA C 65 2.38 -2.23 -8.34
C ALA C 65 1.01 -2.12 -7.70
N TYR C 66 0.11 -1.40 -8.38
CA TYR C 66 -1.24 -1.16 -7.94
C TYR C 66 -2.21 -1.52 -9.05
N SER C 67 -3.27 -2.24 -8.71
CA SER C 67 -4.29 -2.60 -9.68
C SER C 67 -5.63 -2.19 -9.07
N VAL C 68 -6.44 -1.39 -9.73
CA VAL C 68 -7.71 -1.00 -9.16
C VAL C 68 -8.77 -1.07 -10.27
N ALA C 69 -10.05 -1.13 -9.89
CA ALA C 69 -11.09 -1.30 -10.88
C ALA C 69 -11.48 -0.09 -11.62
N GLN C 70 -10.99 1.03 -11.17
CA GLN C 70 -11.29 2.29 -11.81
C GLN C 70 -12.75 2.49 -12.06
N GLN C 71 -13.51 2.26 -11.02
CA GLN C 71 -14.93 2.50 -11.05
C GLN C 71 -15.20 3.57 -10.02
N ASN C 72 -14.17 4.00 -9.32
CA ASN C 72 -14.35 5.02 -8.33
C ASN C 72 -13.06 5.76 -7.99
N ASP C 73 -13.21 6.84 -7.22
CA ASP C 73 -12.04 7.62 -6.82
C ASP C 73 -11.29 6.85 -5.76
N TRP C 74 -11.79 6.88 -4.52
CA TRP C 74 -11.16 6.18 -3.42
C TRP C 74 -11.14 4.67 -3.60
N GLU C 75 -10.03 4.08 -3.98
CA GLU C 75 -10.05 2.65 -4.18
C GLU C 75 -8.94 2.05 -3.43
N ALA C 76 -9.24 1.60 -2.21
CA ALA C 76 -8.26 0.95 -1.36
C ALA C 76 -7.83 -0.36 -2.01
N THR C 77 -6.58 -0.76 -1.86
CA THR C 77 -6.07 -1.97 -2.49
C THR C 77 -4.79 -2.42 -1.77
N ASP C 78 -4.44 -3.71 -1.84
CA ASP C 78 -3.19 -4.18 -1.24
C ASP C 78 -2.19 -4.12 -2.42
N PRO C 79 -1.22 -3.20 -2.33
CA PRO C 79 -0.25 -3.10 -3.42
C PRO C 79 0.68 -4.30 -3.38
N ALA C 80 1.29 -4.70 -4.50
CA ALA C 80 2.21 -5.87 -4.51
C ALA C 80 3.67 -5.41 -4.53
N PHE C 81 4.43 -5.52 -3.45
CA PHE C 81 5.83 -5.09 -3.49
C PHE C 81 6.60 -6.08 -4.42
N ARG C 82 6.79 -5.74 -5.69
CA ARG C 82 7.42 -6.59 -6.66
C ARG C 82 8.92 -6.59 -6.90
N GLU C 83 9.61 -5.46 -6.66
CA GLU C 83 11.06 -5.38 -6.84
C GLU C 83 11.75 -4.68 -5.70
N ALA C 84 12.93 -5.18 -5.32
CA ALA C 84 13.73 -4.59 -4.27
C ALA C 84 15.04 -5.34 -4.38
N ASN C 85 15.89 -4.93 -5.32
CA ASN C 85 17.19 -5.61 -5.56
C ASN C 85 18.35 -4.64 -5.69
N VAL C 86 19.57 -5.15 -5.74
CA VAL C 86 20.74 -4.30 -5.89
C VAL C 86 21.59 -4.95 -6.93
N GLN C 87 22.07 -4.14 -7.89
CA GLN C 87 22.95 -4.68 -8.95
C GLN C 87 24.27 -4.04 -8.84
N GLY C 88 25.32 -4.85 -8.76
CA GLY C 88 26.65 -4.29 -8.67
C GLY C 88 27.42 -4.54 -9.96
N LYS C 89 27.53 -3.56 -10.88
CA LYS C 89 28.28 -3.80 -12.14
C LYS C 89 29.75 -3.55 -12.01
N ASN C 90 30.50 -4.38 -12.74
CA ASN C 90 31.95 -4.36 -12.79
C ASN C 90 32.59 -4.60 -11.46
N LEU C 91 32.04 -5.43 -10.61
CA LEU C 91 32.71 -5.62 -9.32
C LEU C 91 33.72 -6.77 -9.36
N ILE C 92 33.75 -7.48 -10.49
CA ILE C 92 34.65 -8.61 -10.68
C ILE C 92 35.57 -8.42 -11.90
N GLU C 93 36.87 -8.22 -11.60
CA GLU C 93 37.95 -7.98 -12.56
C GLU C 93 38.02 -9.12 -13.58
N TRP C 94 38.10 -10.35 -13.07
CA TRP C 94 38.16 -11.54 -13.92
C TRP C 94 37.02 -11.68 -14.94
N LEU C 95 35.81 -11.21 -14.61
CA LEU C 95 34.65 -11.32 -15.51
C LEU C 95 34.16 -9.89 -15.77
N PRO C 96 34.93 -9.09 -16.52
CA PRO C 96 34.56 -7.69 -16.82
C PRO C 96 33.24 -7.45 -17.50
N GLY C 97 32.65 -6.31 -17.14
CA GLY C 97 31.38 -5.89 -17.68
C GLY C 97 30.17 -6.64 -17.12
N SER C 98 30.41 -7.58 -16.23
CA SER C 98 29.33 -8.36 -15.69
C SER C 98 28.81 -7.81 -14.39
N THR C 99 27.53 -8.04 -14.15
CA THR C 99 26.81 -7.60 -12.96
C THR C 99 26.38 -8.74 -12.06
N ILE C 100 26.45 -8.54 -10.74
CA ILE C 100 25.94 -9.52 -9.83
C ILE C 100 24.77 -8.84 -9.14
N TRP C 101 23.66 -9.55 -8.96
CA TRP C 101 22.49 -8.97 -8.30
C TRP C 101 21.83 -9.93 -7.28
N ALA C 102 20.93 -9.41 -6.46
CA ALA C 102 20.24 -10.23 -5.45
C ALA C 102 19.05 -9.41 -5.02
N GLY C 103 17.92 -10.04 -4.79
CA GLY C 103 16.77 -9.28 -4.35
C GLY C 103 15.65 -9.65 -5.27
N LYS C 104 14.45 -9.14 -5.01
CA LYS C 104 13.35 -9.50 -5.89
C LYS C 104 13.58 -8.63 -7.14
N ARG C 105 13.58 -9.19 -8.34
CA ARG C 105 13.81 -8.38 -9.53
C ARG C 105 13.07 -8.87 -10.74
N PHE C 106 12.50 -7.98 -11.56
CA PHE C 106 11.85 -8.45 -12.80
C PHE C 106 13.09 -8.78 -13.67
N TYR C 107 13.41 -10.06 -13.91
CA TYR C 107 14.60 -10.43 -14.65
C TYR C 107 14.46 -10.76 -16.11
N GLN C 108 14.96 -9.90 -16.99
CA GLN C 108 14.94 -10.13 -18.45
C GLN C 108 13.67 -10.76 -19.01
N ARG C 109 12.56 -10.03 -19.00
CA ARG C 109 11.33 -10.62 -19.48
C ARG C 109 11.01 -10.36 -20.91
N HIS C 110 10.75 -11.41 -21.66
CA HIS C 110 10.38 -11.27 -23.06
C HIS C 110 8.89 -11.30 -23.05
N ASP C 111 8.24 -10.49 -23.88
CA ASP C 111 6.80 -10.44 -23.88
C ASP C 111 6.34 -9.90 -25.21
N VAL C 112 5.06 -9.96 -25.51
CA VAL C 112 4.54 -9.51 -26.78
C VAL C 112 3.54 -8.45 -26.44
N HIS C 113 3.92 -7.19 -26.57
CA HIS C 113 3.07 -6.08 -26.22
C HIS C 113 1.59 -6.04 -26.54
N MET C 114 1.17 -6.15 -27.79
CA MET C 114 -0.27 -6.01 -28.06
C MET C 114 -1.15 -7.01 -27.37
N ILE C 115 -0.64 -8.21 -27.12
CA ILE C 115 -1.45 -9.15 -26.41
C ILE C 115 -1.05 -9.21 -24.94
N ASP C 116 -0.07 -8.41 -24.56
CA ASP C 116 0.40 -8.34 -23.17
C ASP C 116 0.74 -9.71 -22.69
N PHE C 117 1.46 -10.48 -23.48
CA PHE C 117 1.75 -11.85 -23.12
C PHE C 117 3.23 -12.00 -22.78
N TYR C 118 3.61 -12.34 -21.55
CA TYR C 118 5.01 -12.55 -21.31
C TYR C 118 5.30 -13.98 -21.67
N TYR C 119 6.26 -14.25 -22.54
CA TYR C 119 6.48 -15.64 -22.85
C TYR C 119 7.70 -16.24 -22.25
N TRP C 120 8.54 -15.42 -21.61
CA TRP C 120 9.76 -15.91 -20.93
C TRP C 120 9.92 -14.94 -19.78
N ASP C 121 9.57 -15.37 -18.58
CA ASP C 121 9.63 -14.48 -17.45
C ASP C 121 9.76 -15.29 -16.17
N ILE C 122 10.97 -15.36 -15.61
CA ILE C 122 11.18 -16.08 -14.39
C ILE C 122 11.36 -15.11 -13.23
N SER C 123 10.85 -13.88 -13.34
CA SER C 123 11.10 -12.98 -12.21
C SER C 123 10.56 -13.35 -10.86
N GLY C 124 11.22 -12.87 -9.81
CA GLY C 124 10.78 -13.13 -8.46
C GLY C 124 11.98 -12.97 -7.58
N PRO C 125 11.96 -13.43 -6.32
CA PRO C 125 13.13 -13.29 -5.47
C PRO C 125 14.21 -14.08 -6.17
N GLY C 126 15.45 -13.61 -6.20
CA GLY C 126 16.50 -14.37 -6.87
C GLY C 126 17.87 -13.76 -6.72
N ALA C 127 18.81 -14.30 -7.46
CA ALA C 127 20.18 -13.81 -7.45
C ALA C 127 20.85 -14.33 -8.71
N GLY C 128 21.97 -13.75 -9.09
CA GLY C 128 22.66 -14.19 -10.32
C GLY C 128 23.88 -13.40 -10.79
N LEU C 129 24.63 -13.97 -11.73
CA LEU C 129 25.82 -13.34 -12.31
C LEU C 129 25.39 -13.08 -13.73
N GLU C 130 25.15 -11.82 -14.08
CA GLU C 130 24.63 -11.41 -15.39
C GLU C 130 25.65 -10.89 -16.38
N ASN C 131 25.37 -11.01 -17.68
CA ASN C 131 26.24 -10.51 -18.76
C ASN C 131 27.71 -10.79 -18.67
N ILE C 132 28.07 -12.06 -18.58
CA ILE C 132 29.45 -12.47 -18.55
C ILE C 132 29.88 -12.47 -20.02
N ASP C 133 30.90 -11.70 -20.40
CA ASP C 133 31.30 -11.72 -21.83
C ASP C 133 32.02 -13.00 -22.12
N VAL C 134 31.48 -13.75 -23.08
CA VAL C 134 32.00 -15.05 -23.42
C VAL C 134 32.59 -15.12 -24.82
N GLY C 135 32.82 -13.96 -25.41
CA GLY C 135 33.40 -13.97 -26.73
C GLY C 135 32.34 -13.88 -27.77
N PHE C 136 31.82 -15.01 -28.18
CA PHE C 136 30.77 -15.03 -29.20
C PHE C 136 29.43 -14.46 -28.72
N GLY C 137 29.26 -14.37 -27.41
CA GLY C 137 28.04 -13.81 -26.85
C GLY C 137 28.23 -13.56 -25.39
N LYS C 138 27.12 -13.18 -24.76
CA LYS C 138 27.08 -12.87 -23.34
C LYS C 138 26.30 -13.95 -22.55
N LEU C 139 26.96 -14.57 -21.59
CA LEU C 139 26.37 -15.62 -20.79
C LEU C 139 25.84 -15.08 -19.49
N SER C 140 24.62 -15.50 -19.13
CA SER C 140 24.01 -15.07 -17.85
C SER C 140 23.50 -16.27 -16.99
N LEU C 141 23.72 -16.22 -15.68
CA LEU C 141 23.27 -17.28 -14.80
C LEU C 141 22.37 -16.74 -13.68
N ALA C 142 21.18 -17.34 -13.43
CA ALA C 142 20.26 -16.90 -12.34
C ALA C 142 19.53 -18.02 -11.68
N ALA C 143 19.01 -17.74 -10.50
CA ALA C 143 18.19 -18.68 -9.76
C ALA C 143 17.06 -17.86 -9.15
N THR C 144 15.83 -18.11 -9.53
CA THR C 144 14.72 -17.39 -8.92
C THR C 144 13.83 -18.37 -8.15
N ARG C 145 12.76 -17.86 -7.53
CA ARG C 145 11.89 -18.66 -6.71
C ARG C 145 10.42 -18.30 -6.79
N SER C 146 9.61 -19.33 -6.71
CA SER C 146 8.15 -19.20 -6.71
C SER C 146 7.73 -20.19 -5.65
N SER C 147 6.47 -20.12 -5.25
CA SER C 147 5.98 -21.04 -4.27
C SER C 147 4.51 -21.27 -4.58
N GLU C 148 4.06 -22.52 -4.55
CA GLU C 148 2.65 -22.83 -4.85
C GLU C 148 1.95 -22.77 -3.52
N ALA C 149 0.67 -22.37 -3.54
CA ALA C 149 -0.15 -22.22 -2.33
C ALA C 149 -0.16 -23.39 -1.36
N GLY C 150 -0.12 -24.61 -1.86
CA GLY C 150 -0.08 -25.77 -1.00
C GLY C 150 0.36 -26.84 -1.96
N GLY C 151 0.27 -28.12 -1.58
CA GLY C 151 0.61 -29.19 -2.51
C GLY C 151 1.60 -30.12 -1.91
N SER C 152 1.94 -29.87 -0.66
CA SER C 152 2.93 -30.60 0.08
C SER C 152 2.26 -31.14 1.36
N SER C 153 2.59 -32.38 1.78
CA SER C 153 2.01 -32.95 3.00
C SER C 153 3.04 -33.25 4.03
N SER C 154 2.70 -32.95 5.29
CA SER C 154 3.60 -33.14 6.45
C SER C 154 3.88 -34.58 6.74
N PHE C 155 2.99 -35.45 6.26
CA PHE C 155 3.04 -36.91 6.44
C PHE C 155 2.43 -37.53 5.20
N ALA C 156 2.50 -38.86 5.10
CA ALA C 156 1.93 -39.53 3.93
C ALA C 156 0.46 -39.81 4.07
N SER C 157 -0.33 -39.15 3.24
CA SER C 157 -1.75 -39.34 3.20
C SER C 157 -1.91 -39.92 1.82
N ASN C 158 -3.15 -40.27 1.49
CA ASN C 158 -3.56 -40.80 0.20
C ASN C 158 -4.68 -39.85 -0.16
N ASN C 159 -4.94 -38.92 0.77
CA ASN C 159 -5.98 -37.94 0.64
C ASN C 159 -5.40 -36.63 0.11
N ILE C 160 -5.83 -36.22 -1.06
CA ILE C 160 -5.28 -35.01 -1.60
C ILE C 160 -5.57 -33.82 -0.72
N TYR C 161 -6.67 -33.89 0.01
CA TYR C 161 -7.04 -32.77 0.87
C TYR C 161 -6.02 -32.54 1.94
N ASP C 162 -5.05 -33.43 2.02
CA ASP C 162 -3.99 -33.38 3.04
C ASP C 162 -2.75 -32.57 2.66
N TYR C 163 -2.67 -32.31 1.36
CA TYR C 163 -1.60 -31.59 0.72
C TYR C 163 -1.90 -30.11 0.70
N THR C 164 -1.74 -29.45 1.82
CA THR C 164 -2.06 -28.04 1.83
C THR C 164 -0.93 -27.14 2.15
N ASN C 165 0.25 -27.71 2.34
CA ASN C 165 1.42 -26.90 2.64
C ASN C 165 2.01 -26.23 1.42
N GLU C 166 2.31 -24.93 1.57
CA GLU C 166 2.90 -24.09 0.52
C GLU C 166 4.10 -24.89 0.05
N THR C 167 4.32 -24.98 -1.25
CA THR C 167 5.43 -25.77 -1.75
C THR C 167 6.26 -24.88 -2.66
N ALA C 168 7.55 -24.77 -2.33
CA ALA C 168 8.50 -23.91 -3.03
C ALA C 168 9.09 -24.50 -4.22
N ASN C 169 8.98 -23.83 -5.36
CA ASN C 169 9.69 -24.33 -6.54
C ASN C 169 10.91 -23.42 -6.77
N ASP C 170 12.01 -23.97 -7.32
CA ASP C 170 13.22 -23.22 -7.65
C ASP C 170 13.45 -23.27 -9.17
N VAL C 171 13.97 -22.20 -9.77
CA VAL C 171 14.31 -22.22 -11.21
C VAL C 171 15.77 -21.85 -11.39
N PHE C 172 16.46 -22.58 -12.25
CA PHE C 172 17.84 -22.31 -12.49
C PHE C 172 17.92 -21.99 -13.93
N ASP C 173 18.29 -20.76 -14.20
CA ASP C 173 18.27 -20.28 -15.55
C ASP C 173 19.65 -20.09 -16.13
N VAL C 174 19.79 -20.32 -17.42
CA VAL C 174 21.06 -20.12 -18.12
C VAL C 174 20.76 -19.60 -19.52
N ARG C 175 21.27 -18.42 -19.84
CA ARG C 175 21.04 -17.84 -21.16
C ARG C 175 22.38 -17.48 -21.83
N LEU C 176 22.39 -17.58 -23.17
CA LEU C 176 23.53 -17.21 -23.98
C LEU C 176 22.91 -16.30 -25.04
N ALA C 177 23.22 -15.01 -24.97
CA ALA C 177 22.61 -14.10 -25.90
C ALA C 177 23.55 -13.28 -26.75
N GLN C 178 22.94 -12.46 -27.61
CA GLN C 178 23.70 -11.59 -28.50
C GLN C 178 24.68 -12.32 -29.43
N MET C 179 24.41 -13.57 -29.76
CA MET C 179 25.27 -14.28 -30.70
C MET C 179 24.77 -13.88 -32.07
N GLU C 180 25.67 -13.42 -32.95
CA GLU C 180 25.22 -12.99 -34.29
C GLU C 180 25.08 -14.10 -35.34
N ILE C 181 24.11 -15.02 -35.19
CA ILE C 181 23.90 -16.07 -36.17
C ILE C 181 23.98 -15.45 -37.59
N ASN C 182 23.54 -14.21 -37.79
CA ASN C 182 23.60 -13.64 -39.15
C ASN C 182 23.61 -12.11 -39.18
N PRO C 183 23.67 -11.53 -40.39
CA PRO C 183 23.67 -10.08 -40.52
C PRO C 183 22.32 -9.51 -40.16
N GLY C 184 22.30 -8.73 -39.09
CA GLY C 184 21.07 -8.10 -38.62
C GLY C 184 20.32 -9.02 -37.68
N GLY C 185 20.85 -10.23 -37.54
CA GLY C 185 20.19 -11.19 -36.71
C GLY C 185 21.03 -11.66 -35.57
N THR C 186 20.39 -11.78 -34.43
CA THR C 186 21.04 -12.25 -33.23
C THR C 186 20.29 -13.49 -32.82
N LEU C 187 20.91 -14.29 -31.96
CA LEU C 187 20.27 -15.51 -31.48
C LEU C 187 20.52 -15.70 -29.99
N GLU C 188 19.44 -15.97 -29.24
CA GLU C 188 19.54 -16.22 -27.79
C GLU C 188 19.00 -17.59 -27.52
N LEU C 189 19.69 -18.31 -26.64
CA LEU C 189 19.29 -19.64 -26.25
C LEU C 189 19.22 -19.66 -24.75
N GLY C 190 18.17 -20.24 -24.18
CA GLY C 190 18.13 -20.29 -22.72
C GLY C 190 17.68 -21.66 -22.27
N VAL C 191 18.02 -22.07 -21.06
CA VAL C 191 17.57 -23.36 -20.58
C VAL C 191 17.15 -23.16 -19.16
N ASP C 192 15.92 -23.58 -18.87
CA ASP C 192 15.40 -23.48 -17.50
C ASP C 192 15.08 -24.82 -16.89
N TYR C 193 15.53 -25.03 -15.66
CA TYR C 193 15.24 -26.25 -14.99
C TYR C 193 14.61 -25.92 -13.68
N GLY C 194 13.33 -26.23 -13.55
CA GLY C 194 12.60 -25.93 -12.31
C GLY C 194 12.23 -27.19 -11.56
N ARG C 195 12.23 -27.16 -10.24
CA ARG C 195 11.90 -28.35 -9.47
C ARG C 195 11.18 -27.94 -8.20
N ALA C 196 10.19 -28.70 -7.72
CA ALA C 196 9.52 -28.35 -6.46
C ALA C 196 10.55 -28.74 -5.38
N ASN C 197 10.79 -27.86 -4.43
CA ASN C 197 11.80 -28.08 -3.41
C ASN C 197 11.12 -28.35 -2.08
N LEU C 198 11.00 -29.62 -1.70
CA LEU C 198 10.30 -30.03 -0.46
C LEU C 198 11.03 -29.93 0.89
N ARG C 199 10.31 -29.55 1.95
CA ARG C 199 10.88 -29.45 3.29
C ARG C 199 11.21 -30.86 3.70
N ASP C 200 12.08 -30.99 4.69
CA ASP C 200 12.43 -32.32 5.13
C ASP C 200 11.15 -32.99 5.60
N ASN C 201 10.95 -34.20 5.08
CA ASN C 201 9.79 -35.04 5.41
C ASN C 201 8.47 -34.69 4.77
N TYR C 202 8.45 -33.79 3.79
CA TYR C 202 7.17 -33.51 3.18
C TYR C 202 7.09 -34.32 1.93
N ARG C 203 5.87 -34.52 1.47
CA ARG C 203 5.68 -35.33 0.29
C ARG C 203 4.75 -34.65 -0.63
N LEU C 204 4.87 -34.96 -1.92
CA LEU C 204 3.98 -34.42 -2.92
C LEU C 204 3.04 -35.56 -3.19
N VAL C 205 1.91 -35.24 -3.79
CA VAL C 205 0.91 -36.22 -4.17
C VAL C 205 1.55 -37.29 -5.05
N ASP C 206 0.92 -38.46 -5.15
CA ASP C 206 1.45 -39.55 -5.97
C ASP C 206 1.32 -39.12 -7.42
N GLY C 207 2.38 -39.29 -8.19
CA GLY C 207 2.28 -38.91 -9.60
C GLY C 207 2.56 -37.45 -9.92
N ALA C 208 2.73 -36.61 -8.89
CA ALA C 208 3.03 -35.18 -9.01
C ALA C 208 4.22 -35.09 -9.93
N SER C 209 4.21 -34.11 -10.85
CA SER C 209 5.27 -33.90 -11.83
C SER C 209 6.62 -33.59 -11.22
N LYS C 210 6.66 -32.84 -10.13
CA LYS C 210 7.89 -32.49 -9.41
C LYS C 210 8.78 -31.48 -10.09
N ASP C 211 9.33 -31.83 -11.26
CA ASP C 211 10.22 -30.91 -11.96
C ASP C 211 9.91 -30.76 -13.45
N GLY C 212 10.78 -30.10 -14.21
CA GLY C 212 10.52 -29.94 -15.63
C GLY C 212 11.56 -29.12 -16.34
N TRP C 213 11.35 -28.81 -17.61
CA TRP C 213 12.32 -28.01 -18.38
C TRP C 213 11.67 -27.05 -19.30
N LEU C 214 12.28 -25.89 -19.47
CA LEU C 214 11.77 -24.96 -20.49
C LEU C 214 13.00 -24.72 -21.35
N PHE C 215 12.84 -24.78 -22.66
CA PHE C 215 13.95 -24.54 -23.59
C PHE C 215 13.50 -23.46 -24.53
N THR C 216 14.29 -22.38 -24.62
CA THR C 216 13.99 -21.22 -25.49
C THR C 216 15.05 -20.85 -26.52
N ALA C 217 14.59 -20.44 -27.70
CA ALA C 217 15.48 -19.96 -28.74
C ALA C 217 14.77 -18.78 -29.37
N GLU C 218 15.36 -17.62 -29.20
CA GLU C 218 14.74 -16.45 -29.79
C GLU C 218 15.68 -15.88 -30.81
N HIS C 219 15.16 -15.46 -31.96
CA HIS C 219 16.02 -14.85 -32.96
C HIS C 219 15.50 -13.48 -33.31
N THR C 220 16.33 -12.45 -33.13
CA THR C 220 15.88 -11.10 -33.48
C THR C 220 16.54 -10.64 -34.75
N GLN C 221 15.72 -10.20 -35.69
CA GLN C 221 16.20 -9.73 -36.96
C GLN C 221 15.79 -8.29 -37.11
N SER C 222 16.77 -7.47 -37.44
CA SER C 222 16.53 -6.06 -37.63
C SER C 222 15.88 -5.88 -39.00
N VAL C 223 14.72 -5.26 -39.07
CA VAL C 223 14.01 -5.15 -40.34
C VAL C 223 13.15 -3.89 -40.42
N LEU C 224 12.91 -3.41 -41.63
CA LEU C 224 12.05 -2.27 -41.85
C LEU C 224 12.05 -1.25 -40.75
N LYS C 225 13.25 -0.90 -40.30
CA LYS C 225 13.43 0.11 -39.26
C LYS C 225 12.74 -0.35 -37.97
N GLY C 226 12.68 -1.65 -37.76
CA GLY C 226 12.06 -2.19 -36.57
C GLY C 226 12.68 -3.53 -36.36
N PHE C 227 11.91 -4.50 -35.89
CA PHE C 227 12.50 -5.81 -35.69
C PHE C 227 11.45 -6.87 -35.85
N ASN C 228 11.91 -8.09 -35.68
CA ASN C 228 11.05 -9.21 -35.74
C ASN C 228 11.70 -10.27 -34.92
N LYS C 229 10.96 -10.85 -33.98
CA LYS C 229 11.48 -11.94 -33.15
C LYS C 229 10.74 -13.21 -33.53
N PHE C 230 11.48 -14.30 -33.57
CA PHE C 230 10.91 -15.59 -33.89
C PHE C 230 11.35 -16.49 -32.75
N VAL C 231 10.38 -16.98 -31.98
CA VAL C 231 10.67 -17.83 -30.82
C VAL C 231 10.10 -19.21 -31.00
N VAL C 232 10.76 -20.13 -30.33
CA VAL C 232 10.35 -21.50 -30.34
C VAL C 232 10.71 -21.94 -28.92
N GLN C 233 9.72 -22.39 -28.15
CA GLN C 233 9.98 -22.83 -26.80
C GLN C 233 9.38 -24.19 -26.67
N TYR C 234 9.92 -24.99 -25.75
CA TYR C 234 9.40 -26.32 -25.55
C TYR C 234 9.54 -26.62 -24.08
N ALA C 235 8.42 -26.75 -23.37
CA ALA C 235 8.54 -27.02 -21.94
C ALA C 235 8.05 -28.41 -21.62
N THR C 236 8.43 -28.83 -20.43
CA THR C 236 8.16 -30.15 -19.98
C THR C 236 7.65 -30.27 -18.57
N ASP C 237 6.54 -31.00 -18.41
CA ASP C 237 5.98 -31.27 -17.09
C ASP C 237 5.71 -30.10 -16.22
N SER C 238 6.43 -29.98 -15.09
CA SER C 238 6.15 -28.89 -14.17
C SER C 238 6.30 -27.48 -14.70
N MET C 239 6.83 -27.35 -15.90
CA MET C 239 7.00 -26.06 -16.52
C MET C 239 5.83 -25.74 -17.51
N THR C 240 4.92 -26.69 -17.75
CA THR C 240 3.83 -26.48 -18.71
C THR C 240 2.68 -25.66 -18.23
N SER C 241 2.37 -25.73 -16.93
CA SER C 241 1.22 -24.97 -16.44
C SER C 241 1.40 -23.46 -16.52
N GLN C 242 2.43 -22.92 -15.86
CA GLN C 242 2.73 -21.47 -15.93
C GLN C 242 3.24 -21.11 -17.35
N GLY C 243 4.17 -21.90 -17.87
CA GLY C 243 4.67 -21.73 -19.24
C GLY C 243 5.43 -20.52 -19.69
N LYS C 244 6.23 -19.99 -18.76
CA LYS C 244 7.05 -18.82 -18.98
C LYS C 244 8.34 -19.00 -18.25
N GLY C 245 8.57 -20.15 -17.62
CA GLY C 245 9.83 -20.31 -16.94
C GLY C 245 9.67 -20.61 -15.47
N LEU C 246 8.43 -20.54 -14.98
CA LEU C 246 8.19 -20.85 -13.56
C LEU C 246 7.63 -22.27 -13.34
N SER C 247 8.11 -22.91 -12.25
CA SER C 247 7.67 -24.27 -11.94
C SER C 247 6.52 -24.47 -10.94
N GLN C 248 5.74 -25.51 -11.24
CA GLN C 248 4.62 -25.92 -10.39
C GLN C 248 4.68 -27.44 -10.32
N GLY C 249 5.63 -27.93 -9.54
CA GLY C 249 5.84 -29.35 -9.44
C GLY C 249 4.88 -30.12 -8.60
N SER C 250 4.02 -29.45 -7.83
CA SER C 250 3.08 -30.16 -6.97
C SER C 250 1.79 -30.68 -7.62
N GLY C 251 1.22 -29.94 -8.56
CA GLY C 251 0.02 -30.45 -9.23
C GLY C 251 -1.33 -30.34 -8.54
N VAL C 252 -1.35 -29.71 -7.37
CA VAL C 252 -2.55 -29.51 -6.57
C VAL C 252 -3.01 -28.05 -6.67
N ALA C 253 -4.31 -27.87 -6.83
CA ALA C 253 -4.90 -26.54 -6.90
C ALA C 253 -5.95 -26.51 -5.82
N PHE C 254 -6.50 -25.35 -5.49
CA PHE C 254 -7.50 -25.31 -4.45
C PHE C 254 -8.69 -24.54 -4.90
N ASP C 255 -9.89 -25.04 -4.62
CA ASP C 255 -11.08 -24.30 -5.03
C ASP C 255 -11.30 -23.14 -4.07
N ASN C 256 -12.38 -22.39 -4.27
CA ASN C 256 -12.62 -21.27 -3.37
C ASN C 256 -13.02 -21.70 -1.97
N GLU C 257 -13.39 -22.97 -1.80
CA GLU C 257 -13.79 -23.48 -0.49
C GLU C 257 -12.62 -24.19 0.18
N LYS C 258 -11.39 -23.84 -0.22
CA LYS C 258 -10.16 -24.43 0.31
C LYS C 258 -9.99 -25.93 0.01
N PHE C 259 -10.64 -26.45 -1.03
CA PHE C 259 -10.51 -27.87 -1.36
C PHE C 259 -9.42 -28.15 -2.36
N ALA C 260 -8.54 -29.08 -2.00
CA ALA C 260 -7.46 -29.42 -2.90
C ALA C 260 -8.07 -30.18 -4.05
N TYR C 261 -7.44 -30.04 -5.22
CA TYR C 261 -7.82 -30.76 -6.43
C TYR C 261 -6.63 -30.94 -7.33
N ASN C 262 -6.54 -32.12 -7.90
CA ASN C 262 -5.41 -32.48 -8.70
C ASN C 262 -5.37 -31.97 -10.12
N ILE C 263 -4.45 -31.03 -10.34
CA ILE C 263 -4.29 -30.49 -11.67
C ILE C 263 -2.93 -30.84 -12.29
N ASN C 264 -2.56 -32.12 -12.29
CA ASN C 264 -1.27 -32.61 -12.82
C ASN C 264 -0.96 -32.01 -14.15
N ASN C 265 0.32 -31.63 -14.29
CA ASN C 265 0.82 -31.01 -15.49
C ASN C 265 1.84 -31.83 -16.26
N ASN C 266 1.93 -33.14 -16.00
CA ASN C 266 2.87 -33.98 -16.75
C ASN C 266 2.36 -33.88 -18.13
N GLY C 267 3.29 -33.66 -19.04
CA GLY C 267 2.96 -33.48 -20.44
C GLY C 267 4.02 -32.58 -21.05
N HIS C 268 3.64 -31.74 -22.00
CA HIS C 268 4.62 -30.84 -22.60
C HIS C 268 3.89 -29.69 -23.25
N MET C 269 4.66 -28.65 -23.59
CA MET C 269 4.12 -27.51 -24.31
C MET C 269 5.08 -27.21 -25.44
N LEU C 270 4.54 -26.79 -26.59
CA LEU C 270 5.36 -26.42 -27.74
C LEU C 270 4.78 -25.10 -28.15
N ARG C 271 5.60 -24.06 -28.15
CA ARG C 271 5.14 -22.71 -28.49
C ARG C 271 6.02 -22.20 -29.61
N ILE C 272 5.40 -21.73 -30.68
CA ILE C 272 6.15 -21.21 -31.80
C ILE C 272 5.56 -19.83 -32.02
N LEU C 273 6.38 -18.82 -31.80
CA LEU C 273 5.94 -17.41 -31.84
C LEU C 273 6.73 -16.54 -32.79
N ASP C 274 6.01 -15.63 -33.42
CA ASP C 274 6.68 -14.67 -34.23
C ASP C 274 5.94 -13.34 -34.09
N HIS C 275 6.70 -12.32 -33.70
CA HIS C 275 6.11 -11.00 -33.52
C HIS C 275 7.11 -9.92 -33.84
N GLY C 276 6.61 -8.72 -34.09
CA GLY C 276 7.53 -7.63 -34.36
C GLY C 276 6.80 -6.35 -34.60
N ALA C 277 7.57 -5.31 -34.89
CA ALA C 277 7.06 -3.98 -35.24
C ALA C 277 7.96 -3.53 -36.41
N ILE C 278 7.32 -3.05 -37.47
CA ILE C 278 8.03 -2.59 -38.64
C ILE C 278 7.40 -1.33 -39.09
N SER C 279 8.23 -0.38 -39.49
CA SER C 279 7.74 0.89 -40.00
C SER C 279 7.84 0.73 -41.52
N MET C 280 6.96 1.41 -42.24
CA MET C 280 6.97 1.37 -43.69
C MET C 280 6.67 2.79 -44.16
N GLY C 281 7.70 3.54 -44.51
CA GLY C 281 7.46 4.89 -44.93
C GLY C 281 7.55 5.82 -43.76
N ASP C 282 6.84 6.94 -43.83
CA ASP C 282 6.89 7.87 -42.72
C ASP C 282 5.55 7.92 -42.04
N ASN C 283 4.54 7.26 -42.63
CA ASN C 283 3.19 7.26 -42.06
C ASN C 283 2.66 5.98 -41.53
N TRP C 284 3.43 4.91 -41.64
CA TRP C 284 2.92 3.66 -41.16
C TRP C 284 3.87 2.92 -40.34
N ASP C 285 3.33 2.47 -39.20
CA ASP C 285 4.00 1.65 -38.22
C ASP C 285 2.99 0.53 -38.08
N MET C 286 3.47 -0.67 -37.79
CA MET C 286 2.59 -1.78 -37.60
C MET C 286 3.20 -2.80 -36.69
N MET C 287 2.47 -3.13 -35.64
CA MET C 287 2.89 -4.13 -34.67
C MET C 287 2.14 -5.39 -35.15
N TYR C 288 2.69 -6.61 -35.00
CA TYR C 288 1.98 -7.83 -35.43
C TYR C 288 2.35 -9.11 -34.66
N VAL C 289 1.39 -10.03 -34.42
CA VAL C 289 1.69 -11.33 -33.72
C VAL C 289 1.12 -12.48 -34.49
N GLY C 290 1.71 -13.63 -34.23
CA GLY C 290 1.24 -14.88 -34.79
C GLY C 290 1.71 -15.94 -33.82
N MET C 291 0.82 -16.71 -33.21
CA MET C 291 1.32 -17.76 -32.28
C MET C 291 0.56 -19.05 -32.37
N TYR C 292 1.26 -20.13 -32.05
CA TYR C 292 0.62 -21.42 -31.99
C TYR C 292 1.18 -22.10 -30.78
N GLN C 293 0.31 -22.31 -29.79
CA GLN C 293 0.75 -22.94 -28.53
C GLN C 293 -0.09 -24.18 -28.27
N ASP C 294 0.60 -25.28 -27.97
CA ASP C 294 -0.05 -26.55 -27.72
C ASP C 294 0.42 -27.16 -26.42
N ILE C 295 -0.47 -27.20 -25.43
CA ILE C 295 -0.19 -27.82 -24.13
C ILE C 295 -0.92 -29.14 -24.21
N ASN C 296 -0.13 -30.19 -24.14
CA ASN C 296 -0.61 -31.53 -24.25
C ASN C 296 -0.42 -32.15 -22.93
N TRP C 297 -1.51 -32.38 -22.21
CA TRP C 297 -1.35 -32.99 -20.92
C TRP C 297 -1.64 -34.44 -20.86
N ASP C 298 -0.97 -35.12 -19.95
CA ASP C 298 -1.18 -36.54 -19.79
C ASP C 298 -2.59 -36.76 -19.37
N ASN C 299 -3.17 -35.81 -18.66
CA ASN C 299 -4.53 -35.96 -18.22
C ASN C 299 -5.55 -35.49 -19.23
N ASP C 300 -5.15 -35.28 -20.47
CA ASP C 300 -6.09 -34.85 -21.48
C ASP C 300 -6.77 -33.50 -21.27
N ASN C 301 -6.34 -32.69 -20.31
CA ASN C 301 -7.01 -31.43 -20.21
C ASN C 301 -6.27 -30.21 -20.78
N GLY C 302 -5.38 -30.45 -21.74
CA GLY C 302 -4.64 -29.38 -22.36
C GLY C 302 -5.51 -28.56 -23.28
N THR C 303 -4.86 -27.74 -24.11
CA THR C 303 -5.51 -26.85 -25.08
C THR C 303 -4.52 -26.61 -26.24
N LYS C 304 -5.02 -26.26 -27.43
CA LYS C 304 -4.19 -25.96 -28.62
C LYS C 304 -4.69 -24.59 -29.08
N TRP C 305 -3.86 -23.57 -28.87
CA TRP C 305 -4.19 -22.17 -29.14
C TRP C 305 -3.45 -21.60 -30.34
N TRP C 306 -4.16 -20.76 -31.13
CA TRP C 306 -3.64 -20.04 -32.30
C TRP C 306 -4.05 -18.58 -32.22
N THR C 307 -3.13 -17.62 -32.36
CA THR C 307 -3.58 -16.22 -32.39
C THR C 307 -2.93 -15.54 -33.57
N VAL C 308 -3.49 -14.40 -33.95
CA VAL C 308 -2.93 -13.59 -35.00
C VAL C 308 -3.58 -12.28 -34.89
N GLY C 309 -2.77 -11.24 -35.00
CA GLY C 309 -3.33 -9.90 -34.93
C GLY C 309 -2.34 -8.93 -35.53
N ILE C 310 -2.81 -7.73 -35.83
CA ILE C 310 -1.97 -6.71 -36.36
C ILE C 310 -2.48 -5.40 -35.83
N ARG C 311 -1.54 -4.49 -35.57
CA ARG C 311 -1.87 -3.16 -35.06
C ARG C 311 -1.15 -2.20 -35.96
N PRO C 312 -1.82 -1.77 -37.02
CA PRO C 312 -1.17 -0.83 -37.90
C PRO C 312 -1.52 0.56 -37.45
N MET C 313 -0.50 1.42 -37.34
CA MET C 313 -0.70 2.80 -36.92
C MET C 313 -0.48 3.66 -38.15
N TYR C 314 -1.36 4.61 -38.39
CA TYR C 314 -1.16 5.51 -39.52
C TYR C 314 -1.02 6.91 -38.96
N LYS C 315 0.11 7.56 -39.22
CA LYS C 315 0.37 8.90 -38.65
C LYS C 315 -0.03 10.17 -39.39
N TRP C 316 -1.05 10.84 -38.92
CA TRP C 316 -1.51 12.05 -39.54
C TRP C 316 -0.60 13.19 -39.24
N THR C 317 0.11 13.06 -38.13
CA THR C 317 0.93 14.10 -37.59
C THR C 317 1.99 13.52 -36.69
N PRO C 318 3.05 14.27 -36.49
CA PRO C 318 4.07 13.74 -35.62
C PRO C 318 3.49 13.40 -34.24
N ILE C 319 2.39 14.02 -33.84
CA ILE C 319 1.81 13.65 -32.57
C ILE C 319 0.37 13.10 -32.60
N MET C 320 -0.28 13.01 -33.77
CA MET C 320 -1.64 12.47 -33.83
C MET C 320 -1.75 11.35 -34.81
N SER C 321 -2.36 10.24 -34.42
CA SER C 321 -2.51 9.11 -35.34
C SER C 321 -3.83 8.44 -35.19
N THR C 322 -3.97 7.38 -35.95
CA THR C 322 -5.16 6.60 -35.90
C THR C 322 -4.62 5.21 -35.85
N VAL C 323 -4.86 4.53 -34.73
CA VAL C 323 -4.37 3.17 -34.57
C VAL C 323 -5.55 2.24 -34.72
N MET C 324 -5.33 1.05 -35.24
CA MET C 324 -6.39 0.08 -35.36
C MET C 324 -5.81 -1.30 -35.03
N GLU C 325 -6.58 -2.13 -34.31
CA GLU C 325 -6.11 -3.49 -33.96
C GLU C 325 -7.12 -4.54 -34.36
N ILE C 326 -6.62 -5.67 -34.84
CA ILE C 326 -7.48 -6.75 -35.26
C ILE C 326 -6.86 -8.02 -34.80
N GLY C 327 -7.55 -8.71 -33.91
CA GLY C 327 -7.00 -9.95 -33.36
C GLY C 327 -7.92 -11.16 -33.47
N TYR C 328 -7.34 -12.34 -33.56
CA TYR C 328 -8.13 -13.53 -33.67
C TYR C 328 -7.61 -14.66 -32.83
N ASP C 329 -8.50 -15.28 -32.07
CA ASP C 329 -8.10 -16.45 -31.28
C ASP C 329 -8.94 -17.66 -31.60
N ASN C 330 -8.35 -18.80 -31.33
CA ASN C 330 -9.07 -20.02 -31.52
C ASN C 330 -8.41 -21.04 -30.61
N VAL C 331 -9.14 -21.53 -29.61
CA VAL C 331 -8.59 -22.54 -28.70
C VAL C 331 -9.38 -23.85 -28.78
N GLU C 332 -8.71 -24.96 -28.96
CA GLU C 332 -9.39 -26.23 -29.04
C GLU C 332 -9.18 -27.02 -27.77
N SER C 333 -10.26 -27.52 -27.14
CA SER C 333 -10.04 -28.30 -25.92
C SER C 333 -9.34 -29.61 -26.16
N GLN C 334 -8.28 -29.91 -25.41
CA GLN C 334 -7.62 -31.21 -25.61
C GLN C 334 -8.60 -32.28 -25.20
N ARG C 335 -9.27 -32.12 -24.06
CA ARG C 335 -10.24 -33.11 -23.62
C ARG C 335 -11.40 -33.34 -24.58
N THR C 336 -12.16 -32.32 -24.92
CA THR C 336 -13.29 -32.56 -25.78
C THR C 336 -13.16 -32.32 -27.25
N GLY C 337 -12.08 -31.73 -27.72
CA GLY C 337 -11.96 -31.47 -29.14
C GLY C 337 -12.81 -30.29 -29.66
N ASP C 338 -13.56 -29.63 -28.78
CA ASP C 338 -14.38 -28.49 -29.21
C ASP C 338 -13.49 -27.28 -29.40
N LYS C 339 -14.07 -26.22 -29.97
CA LYS C 339 -13.35 -24.99 -30.23
C LYS C 339 -14.05 -23.70 -29.92
N ASN C 340 -13.33 -22.88 -29.16
CA ASN C 340 -13.77 -21.53 -28.80
C ASN C 340 -12.96 -20.59 -29.72
N ASN C 341 -13.59 -19.56 -30.29
CA ASN C 341 -12.83 -18.59 -31.08
C ASN C 341 -13.43 -17.21 -31.02
N GLN C 342 -12.60 -16.21 -31.30
CA GLN C 342 -13.07 -14.83 -31.27
C GLN C 342 -12.29 -13.96 -32.20
N TYR C 343 -12.92 -12.87 -32.64
CA TYR C 343 -12.24 -11.88 -33.43
C TYR C 343 -12.59 -10.49 -32.87
N LYS C 344 -11.54 -9.71 -32.62
CA LYS C 344 -11.70 -8.36 -32.08
C LYS C 344 -11.22 -7.37 -33.10
N ILE C 345 -11.86 -6.22 -33.17
CA ILE C 345 -11.44 -5.18 -34.08
C ILE C 345 -11.54 -3.88 -33.34
N THR C 346 -10.43 -3.19 -33.09
CA THR C 346 -10.54 -1.90 -32.39
C THR C 346 -10.09 -0.81 -33.33
N LEU C 347 -10.69 0.36 -33.21
CA LEU C 347 -10.34 1.50 -34.05
C LEU C 347 -10.15 2.62 -33.07
N ALA C 348 -8.94 3.17 -32.97
CA ALA C 348 -8.62 4.24 -32.00
C ALA C 348 -8.00 5.52 -32.61
N GLN C 349 -8.22 6.65 -31.97
CA GLN C 349 -7.60 7.90 -32.42
C GLN C 349 -6.70 8.30 -31.27
N GLN C 350 -5.38 8.28 -31.46
CA GLN C 350 -4.54 8.65 -30.33
C GLN C 350 -3.68 9.87 -30.53
N TRP C 351 -3.19 10.41 -29.42
CA TRP C 351 -2.27 11.54 -29.39
C TRP C 351 -1.15 10.98 -28.57
N GLN C 352 0.08 10.97 -29.06
CA GLN C 352 1.14 10.44 -28.23
C GLN C 352 2.38 11.29 -28.31
N ALA C 353 3.20 11.21 -27.28
CA ALA C 353 4.40 11.97 -27.23
C ALA C 353 5.44 11.25 -28.04
N GLY C 354 5.36 11.34 -29.36
CA GLY C 354 6.33 10.65 -30.20
C GLY C 354 5.74 10.24 -31.54
N ASP C 355 6.57 9.88 -32.51
CA ASP C 355 6.05 9.48 -33.82
C ASP C 355 6.12 7.99 -33.95
N SER C 356 6.25 7.27 -32.84
CA SER C 356 6.33 5.84 -32.98
C SER C 356 5.13 5.12 -32.50
N ILE C 357 5.01 3.87 -32.92
CA ILE C 357 3.95 3.00 -32.48
C ILE C 357 4.40 2.52 -31.10
N TRP C 358 5.58 2.94 -30.66
CA TRP C 358 6.08 2.58 -29.36
C TRP C 358 6.14 3.78 -28.46
N SER C 359 5.72 4.94 -28.95
CA SER C 359 5.83 6.16 -28.18
C SER C 359 4.78 6.25 -27.11
N ARG C 360 5.18 6.53 -25.87
CA ARG C 360 4.24 6.71 -24.74
C ARG C 360 4.61 8.03 -24.04
N PRO C 361 3.66 8.76 -23.44
CA PRO C 361 2.26 8.48 -23.20
C PRO C 361 1.41 8.55 -24.43
N ALA C 362 0.26 7.90 -24.40
CA ALA C 362 -0.64 7.93 -25.54
C ALA C 362 -1.97 8.19 -24.91
N ILE C 363 -2.80 9.01 -25.54
CA ILE C 363 -4.12 9.23 -24.99
C ILE C 363 -5.02 8.75 -26.10
N ARG C 364 -5.83 7.72 -25.86
CA ARG C 364 -6.70 7.16 -26.88
C ARG C 364 -8.18 7.37 -26.70
N VAL C 365 -8.88 7.36 -27.81
CA VAL C 365 -10.34 7.45 -27.78
C VAL C 365 -10.61 6.32 -28.72
N PHE C 366 -11.31 5.26 -28.29
CA PHE C 366 -11.45 4.07 -29.16
C PHE C 366 -12.83 3.46 -29.16
N ALA C 367 -13.03 2.50 -30.06
CA ALA C 367 -14.28 1.76 -30.13
C ALA C 367 -13.85 0.35 -30.44
N THR C 368 -14.37 -0.62 -29.69
CA THR C 368 -14.03 -2.03 -29.90
C THR C 368 -15.23 -2.92 -30.21
N TYR C 369 -15.04 -3.94 -31.05
CA TYR C 369 -16.13 -4.86 -31.41
C TYR C 369 -15.60 -6.27 -31.33
N ALA C 370 -16.25 -7.11 -30.54
CA ALA C 370 -15.79 -8.48 -30.44
C ALA C 370 -16.93 -9.40 -30.72
N LYS C 371 -16.66 -10.43 -31.46
CA LYS C 371 -17.70 -11.40 -31.74
C LYS C 371 -17.15 -12.78 -31.45
N TRP C 372 -17.71 -13.51 -30.49
CA TRP C 372 -17.22 -14.86 -30.17
C TRP C 372 -18.25 -15.95 -30.36
N ASP C 373 -17.76 -17.17 -30.32
CA ASP C 373 -18.60 -18.33 -30.46
C ASP C 373 -17.80 -19.40 -29.84
N GLU C 374 -18.05 -19.62 -28.56
CA GLU C 374 -17.34 -20.61 -27.79
C GLU C 374 -18.20 -21.85 -27.60
N LYS C 375 -17.61 -23.01 -27.87
CA LYS C 375 -18.29 -24.30 -27.73
C LYS C 375 -17.81 -25.21 -26.56
N TRP C 376 -17.11 -24.62 -25.60
CA TRP C 376 -16.63 -25.34 -24.43
C TRP C 376 -16.21 -24.38 -23.32
N GLY C 377 -16.08 -24.88 -22.11
CA GLY C 377 -15.69 -24.03 -21.02
C GLY C 377 -15.20 -24.89 -19.88
N TYR C 378 -14.76 -24.29 -18.79
CA TYR C 378 -14.31 -25.13 -17.72
C TYR C 378 -15.40 -25.27 -16.67
N ASP C 379 -15.50 -26.45 -16.09
CA ASP C 379 -16.51 -26.63 -15.11
C ASP C 379 -16.00 -26.21 -13.77
N TYR C 380 -16.52 -25.09 -13.31
CA TYR C 380 -16.14 -24.58 -12.03
C TYR C 380 -17.38 -24.48 -11.12
N THR C 381 -18.43 -25.22 -11.49
CA THR C 381 -19.65 -25.23 -10.71
C THR C 381 -19.40 -26.16 -9.54
N GLY C 382 -20.15 -25.96 -8.47
CA GLY C 382 -19.98 -26.83 -7.33
C GLY C 382 -18.69 -26.49 -6.63
N ASN C 383 -18.05 -27.51 -6.08
CA ASN C 383 -16.81 -27.29 -5.34
C ASN C 383 -15.95 -28.51 -5.67
N ALA C 384 -14.65 -28.40 -5.45
CA ALA C 384 -13.76 -29.50 -5.71
C ALA C 384 -14.25 -30.79 -5.05
N ASP C 385 -15.09 -30.68 -3.99
CA ASP C 385 -15.67 -31.84 -3.28
C ASP C 385 -17.01 -32.27 -3.93
N ASN C 386 -17.96 -31.33 -4.16
CA ASN C 386 -19.26 -31.64 -4.82
C ASN C 386 -18.98 -32.22 -6.20
N ASN C 387 -18.14 -31.49 -6.92
CA ASN C 387 -17.78 -31.77 -8.29
C ASN C 387 -16.57 -32.62 -8.59
N ALA C 388 -16.76 -33.58 -9.46
CA ALA C 388 -15.68 -34.44 -9.83
C ALA C 388 -15.04 -33.97 -11.13
N ASN C 389 -15.78 -33.18 -11.88
CA ASN C 389 -15.33 -32.60 -13.15
C ASN C 389 -14.82 -31.18 -12.92
N PHE C 390 -14.62 -30.82 -11.65
CA PHE C 390 -14.22 -29.49 -11.31
C PHE C 390 -12.93 -29.14 -11.99
N GLY C 391 -12.97 -28.06 -12.77
CA GLY C 391 -11.81 -27.60 -13.49
C GLY C 391 -11.55 -28.24 -14.85
N LYS C 392 -12.40 -29.18 -15.28
CA LYS C 392 -12.20 -29.85 -16.56
C LYS C 392 -12.88 -29.10 -17.64
N ALA C 393 -12.35 -29.23 -18.85
CA ALA C 393 -12.97 -28.62 -20.01
C ALA C 393 -14.29 -29.38 -20.19
N VAL C 394 -15.32 -28.76 -20.72
CA VAL C 394 -16.62 -29.43 -20.81
C VAL C 394 -17.39 -28.67 -21.86
N PRO C 395 -18.17 -29.34 -22.67
CA PRO C 395 -18.92 -28.64 -23.71
C PRO C 395 -19.87 -27.62 -23.24
N ALA C 396 -20.08 -26.66 -24.11
CA ALA C 396 -20.95 -25.56 -23.79
C ALA C 396 -22.21 -25.95 -23.07
N ASP C 397 -22.89 -26.96 -23.56
CA ASP C 397 -24.17 -27.37 -22.98
C ASP C 397 -24.07 -28.54 -22.01
N PHE C 398 -22.87 -28.90 -21.59
CA PHE C 398 -22.73 -30.01 -20.70
C PHE C 398 -23.75 -30.08 -19.60
N ASN C 399 -24.32 -31.27 -19.41
CA ASN C 399 -25.37 -31.57 -18.41
C ASN C 399 -26.42 -30.47 -18.26
N GLY C 400 -26.91 -29.96 -19.39
CA GLY C 400 -27.94 -28.94 -19.35
C GLY C 400 -27.48 -27.57 -18.95
N GLY C 401 -26.42 -27.45 -18.14
CA GLY C 401 -25.96 -26.13 -17.73
C GLY C 401 -25.28 -25.47 -18.92
N SER C 402 -24.40 -24.51 -18.66
CA SER C 402 -23.72 -23.91 -19.78
C SER C 402 -22.33 -23.46 -19.42
N PHE C 403 -21.44 -23.62 -20.38
CA PHE C 403 -20.04 -23.33 -20.18
C PHE C 403 -19.45 -22.51 -21.34
N GLY C 404 -18.69 -21.50 -20.96
CA GLY C 404 -18.09 -20.66 -21.97
C GLY C 404 -18.93 -19.44 -22.19
N ARG C 405 -18.41 -18.51 -22.98
CA ARG C 405 -19.08 -17.26 -23.21
C ARG C 405 -20.21 -17.30 -24.18
N GLY C 406 -20.44 -18.43 -24.83
CA GLY C 406 -21.55 -18.43 -25.76
C GLY C 406 -21.23 -18.04 -27.19
N ASP C 407 -22.24 -17.59 -27.91
CA ASP C 407 -22.03 -17.22 -29.30
C ASP C 407 -22.62 -15.85 -29.34
N SER C 408 -21.76 -14.85 -29.34
CA SER C 408 -22.26 -13.51 -29.29
C SER C 408 -21.44 -12.35 -29.85
N ASP C 409 -21.79 -11.19 -29.34
CA ASP C 409 -21.28 -9.90 -29.73
C ASP C 409 -21.29 -8.92 -28.63
N GLU C 410 -20.59 -7.83 -28.90
CA GLU C 410 -20.59 -6.67 -28.03
C GLU C 410 -19.61 -5.68 -28.59
N TRP C 411 -19.88 -4.42 -28.25
CA TRP C 411 -19.00 -3.35 -28.67
C TRP C 411 -18.84 -2.40 -27.50
N THR C 412 -17.64 -1.88 -27.33
CA THR C 412 -17.38 -0.93 -26.26
C THR C 412 -16.70 0.27 -26.80
N PHE C 413 -16.44 1.23 -25.94
CA PHE C 413 -15.74 2.44 -26.33
C PHE C 413 -15.37 3.28 -25.13
N GLY C 414 -14.38 4.14 -25.30
CA GLY C 414 -13.96 4.99 -24.21
C GLY C 414 -12.71 5.77 -24.50
N ALA C 415 -12.03 6.20 -23.46
CA ALA C 415 -10.84 6.99 -23.59
C ALA C 415 -9.89 6.37 -22.63
N GLN C 416 -8.59 6.37 -22.89
CA GLN C 416 -7.63 5.77 -21.96
C GLN C 416 -6.25 6.35 -22.18
N MET C 417 -5.41 6.43 -21.16
CA MET C 417 -4.07 6.88 -21.37
C MET C 417 -3.24 5.68 -21.04
N GLU C 418 -2.06 5.53 -21.64
CA GLU C 418 -1.14 4.44 -21.31
C GLU C 418 0.23 5.03 -21.35
N ILE C 419 1.15 4.56 -20.51
CA ILE C 419 2.45 5.17 -20.52
C ILE C 419 3.47 4.40 -19.78
N TRP C 420 4.68 4.35 -20.33
CA TRP C 420 5.78 3.78 -19.59
C TRP C 420 6.80 4.92 -19.50
N TRP C 421 7.58 4.96 -18.43
CA TRP C 421 8.52 6.04 -18.28
C TRP C 421 9.73 5.61 -17.52
C1 GLC D . 10.43 -4.23 13.83
C2 GLC D . 10.07 -3.26 14.96
C3 GLC D . 11.11 -3.32 16.08
C4 GLC D . 11.29 -4.75 16.55
C5 GLC D . 11.60 -5.68 15.38
C6 GLC D . 11.62 -7.13 15.81
O2 GLC D . 9.98 -1.94 14.45
O3 GLC D . 10.70 -2.50 17.16
O4 GLC D . 12.34 -4.81 17.50
O5 GLC D . 10.59 -5.55 14.35
O6 GLC D . 11.51 -8.01 14.69
C1 GLC D . 11.37 -3.40 11.80
C2 GLC D . 12.10 -4.39 10.84
C3 GLC D . 13.65 -4.27 11.03
C4 GLC D . 14.03 -2.82 10.66
C5 GLC D . 13.26 -1.80 11.56
C6 GLC D . 13.45 -0.36 11.09
O1 GLC D . 11.56 -3.78 13.15
O2 GLC D . 11.63 -5.72 10.99
O3 GLC D . 14.35 -5.19 10.19
O4 GLC D . 15.45 -2.61 10.75
O5 GLC D . 11.80 -2.05 11.55
O6 GLC D . 12.38 0.49 11.49
C1 GLC E . -12.53 12.54 1.86
C2 GLC E . -13.30 12.59 0.53
C3 GLC E . -14.16 13.84 0.46
C4 GLC E . -15.08 13.91 1.69
C5 GLC E . -14.26 13.82 2.97
C6 GLC E . -15.16 13.72 4.20
O2 GLC E . -12.38 12.58 -0.55
O3 GLC E . -14.96 13.81 -0.72
O4 GLC E . -15.81 15.14 1.67
O5 GLC E . -13.44 12.63 2.95
O6 GLC E . -14.45 13.23 5.32
C1 GLC E . -10.21 13.12 1.92
C2 GLC E . -9.54 13.46 3.28
C3 GLC E . -9.42 15.01 3.45
C4 GLC E . -8.52 15.51 2.29
C5 GLC E . -9.13 15.12 0.91
C6 GLC E . -8.15 15.41 -0.23
O1 GLC E . -11.55 13.55 1.89
O2 GLC E . -10.22 12.85 4.38
O3 GLC E . -8.86 15.37 4.71
O4 GLC E . -8.30 16.92 2.38
O5 GLC E . -9.45 13.67 0.83
O6 GLC E . -8.42 14.58 -1.37
C1 GLC F . 0.56 -9.83 -14.87
C2 GLC F . 1.68 -10.85 -14.67
C3 GLC F . 2.03 -11.54 -15.99
C4 GLC F . 0.78 -12.12 -16.63
C5 GLC F . -0.31 -11.06 -16.76
C6 GLC F . -1.61 -11.66 -17.24
O2 GLC F . 2.83 -10.23 -14.13
O3 GLC F . 2.99 -12.56 -15.77
O4 GLC F . 1.10 -12.65 -17.91
O5 GLC F . -0.57 -10.45 -15.48
O6 GLC F . -2.71 -10.79 -16.99
C1 GLC F . 1.09 -7.49 -14.93
C2 GLC F . 0.06 -6.48 -15.53
C3 GLC F . 0.46 -6.12 -16.99
C4 GLC F . 1.85 -5.43 -16.90
C5 GLC F . 2.89 -6.39 -16.24
C6 GLC F . 4.21 -5.67 -15.95
O1 GLC F . 1.05 -8.73 -15.60
O2 GLC F . -1.29 -6.99 -15.44
O3 GLC F . -0.49 -5.23 -17.59
O4 GLC F . 2.30 -4.99 -18.19
O5 GLC F . 2.41 -6.92 -14.94
O6 GLC F . 4.93 -6.30 -14.89
#